data_9H40
#
_entry.id   9H40
#
_cell.length_a   56.214
_cell.length_b   131.809
_cell.length_c   137.458
_cell.angle_alpha   90.00
_cell.angle_beta   90.00
_cell.angle_gamma   90.00
#
_symmetry.space_group_name_H-M   'P 21 21 21'
#
loop_
_entity.id
_entity.type
_entity.pdbx_description
1 polymer 'p-cresol methylhydroxylase'
2 non-polymer ALANINE
3 non-polymer 'FLAVIN-ADENINE DINUCLEOTIDE'
4 non-polymer GLYCINE
5 water water
#
_entity_poly.entity_id   1
_entity_poly.type   'polypeptide(L)'
_entity_poly.pdbx_seq_one_letter_code
;MLPPGIDSATFQKALSAFANVVGKEWVFTSDEDLKLYRDAYSPYMGEAEERLASAAVAPDTSEQVQEIARIANQYSIPLY
TISTGKNLGYGGSAPTYSGSVVLDLKRMNRIIEVNEKQAYCIVEPGVSYFDMYRYLQEKKSKLWLDVPDPGWGSMVGNAM
DRGAGYTAAQFRNHFDAHCGMEVVLANGEVMRTGMGAMPKSKTWAMYKTGFGPAIDGIFSQSNFGIVTKMGFWLMPEPEA
FLKGHIHLSQYSDMVPLVELMTELENSKIFTGYPDINSPAMGTPSLAGLHEFLAHGPKEQDPEFMALLGRGAKPEEYEAY
AKKKGIPFWTCALTFYGPEKVIRAQWEYAQERFKKAFPDAKFAEHEFYKLPLTPEQAEKVEYPAQFGIPNLRTFAIGARS
NWNPAPPTHGHAWFSPVIPRDGAEVLKINEVLGTEARRLGIPLIFAMIVPVPSWERSFTFIIPLFISEDPAQNKRSREVF
RHLIKVAADNGWGEYRTAPTFQADVMDTYSFGDHALLRFHESIKDAVDPKGILSPGRYGIWPKHLRDKHRYKGGDSV
;
_entity_poly.pdbx_strand_id   A,C
#
# COMPACT_ATOMS: atom_id res chain seq x y z
N MET A 1 32.33 -12.85 23.12
CA MET A 1 31.09 -13.69 23.09
C MET A 1 31.09 -14.53 21.79
N LEU A 2 30.48 -15.72 21.84
CA LEU A 2 30.21 -16.57 20.64
C LEU A 2 28.72 -16.53 20.33
N PRO A 3 28.31 -16.62 19.04
CA PRO A 3 26.92 -16.95 18.71
C PRO A 3 26.61 -18.34 19.26
N PRO A 4 25.39 -18.55 19.79
CA PRO A 4 25.07 -19.80 20.48
C PRO A 4 25.19 -20.97 19.49
N GLY A 5 25.77 -22.08 19.93
CA GLY A 5 25.96 -23.28 19.10
C GLY A 5 27.06 -23.11 18.04
N ILE A 6 27.85 -22.04 18.08
CA ILE A 6 28.97 -21.84 17.11
C ILE A 6 30.29 -21.84 17.89
N ASP A 7 31.24 -22.65 17.45
CA ASP A 7 32.55 -22.82 18.13
C ASP A 7 33.50 -21.70 17.67
N SER A 8 34.46 -21.39 18.53
CA SER A 8 35.50 -20.35 18.31
C SER A 8 36.13 -20.46 16.92
N ALA A 9 36.48 -21.66 16.46
CA ALA A 9 37.18 -21.88 15.17
C ALA A 9 36.25 -21.49 14.02
N THR A 10 34.98 -21.92 14.04
CA THR A 10 33.98 -21.57 12.98
C THR A 10 33.79 -20.05 13.00
N PHE A 11 33.64 -19.46 14.18
CA PHE A 11 33.43 -18.01 14.34
C PHE A 11 34.65 -17.28 13.78
N GLN A 12 35.86 -17.78 14.09
CA GLN A 12 37.11 -17.13 13.62
C GLN A 12 37.19 -17.19 12.09
N LYS A 13 36.87 -18.35 11.50
CA LYS A 13 36.83 -18.55 10.03
C LYS A 13 35.83 -17.55 9.39
N ALA A 14 34.66 -17.39 10.01
CA ALA A 14 33.60 -16.49 9.50
C ALA A 14 34.12 -15.05 9.64
N LEU A 15 34.61 -14.68 10.83
CA LEU A 15 35.10 -13.29 11.09
C LEU A 15 36.20 -12.94 10.09
N SER A 16 37.14 -13.86 9.85
CA SER A 16 38.29 -13.66 8.91
C SER A 16 37.74 -13.43 7.51
N ALA A 17 36.80 -14.29 7.08
CA ALA A 17 36.13 -14.19 5.75
C ALA A 17 35.39 -12.83 5.64
N PHE A 18 34.69 -12.37 6.69
CA PHE A 18 34.03 -11.02 6.66
C PHE A 18 35.11 -9.94 6.44
N ALA A 19 36.18 -9.96 7.21
CA ALA A 19 37.28 -8.97 7.12
C ALA A 19 37.91 -9.01 5.73
N ASN A 20 37.92 -10.17 5.07
CA ASN A 20 38.40 -10.30 3.65
C ASN A 20 37.45 -9.55 2.70
N VAL A 21 36.17 -9.32 3.08
CA VAL A 21 35.18 -8.60 2.22
C VAL A 21 35.23 -7.09 2.49
N VAL A 22 35.09 -6.69 3.76
CA VAL A 22 34.87 -5.27 4.15
C VAL A 22 36.18 -4.63 4.62
N GLY A 23 37.24 -5.42 4.84
CA GLY A 23 38.52 -4.95 5.41
C GLY A 23 38.50 -5.07 6.91
N LYS A 24 39.66 -5.32 7.52
CA LYS A 24 39.82 -5.68 8.95
C LYS A 24 39.25 -4.57 9.85
N GLU A 25 39.38 -3.30 9.46
CA GLU A 25 38.97 -2.13 10.29
C GLU A 25 37.43 -2.01 10.36
N TRP A 26 36.66 -2.78 9.59
CA TRP A 26 35.17 -2.70 9.59
C TRP A 26 34.53 -3.99 10.13
N VAL A 27 35.29 -4.83 10.83
CA VAL A 27 34.78 -6.00 11.62
C VAL A 27 35.10 -5.70 13.09
N PHE A 28 34.09 -5.59 13.96
CA PHE A 28 34.22 -5.18 15.38
C PHE A 28 33.91 -6.35 16.32
N THR A 29 34.80 -6.59 17.29
CA THR A 29 34.80 -7.76 18.21
C THR A 29 35.01 -7.37 19.69
N SER A 30 35.59 -6.21 19.99
CA SER A 30 35.93 -5.80 21.37
C SER A 30 34.62 -5.51 22.13
N ASP A 31 34.59 -5.78 23.44
CA ASP A 31 33.49 -5.40 24.36
C ASP A 31 33.18 -3.91 24.20
N GLU A 32 34.23 -3.09 24.09
CA GLU A 32 34.10 -1.60 24.08
C GLU A 32 33.32 -1.19 22.82
N ASP A 33 33.75 -1.66 21.64
CA ASP A 33 33.06 -1.45 20.33
C ASP A 33 31.59 -1.87 20.45
N LEU A 34 31.34 -3.11 20.90
CA LEU A 34 29.99 -3.75 20.88
C LEU A 34 29.02 -3.06 21.86
N LYS A 35 29.54 -2.27 22.80
CA LYS A 35 28.70 -1.55 23.79
C LYS A 35 27.74 -0.63 23.05
N LEU A 36 28.16 -0.05 21.91
CA LEU A 36 27.33 0.84 21.05
C LEU A 36 26.21 0.03 20.38
N TYR A 37 26.29 -1.30 20.39
CA TYR A 37 25.25 -2.18 19.78
C TYR A 37 24.23 -2.62 20.83
N ARG A 38 24.38 -2.16 22.08
CA ARG A 38 23.38 -2.44 23.14
C ARG A 38 22.19 -1.48 22.95
N ASP A 39 21.01 -1.94 23.34
CA ASP A 39 19.77 -1.13 23.37
C ASP A 39 19.89 -0.10 24.50
N ALA A 40 20.18 1.17 24.14
CA ALA A 40 20.26 2.31 25.09
C ALA A 40 18.99 2.36 25.94
N TYR A 41 17.85 1.88 25.44
CA TYR A 41 16.57 1.92 26.19
C TYR A 41 16.11 0.51 26.57
N SER A 42 17.03 -0.46 26.68
CA SER A 42 16.71 -1.88 26.99
C SER A 42 15.81 -1.97 28.23
N PRO A 43 14.58 -2.55 28.12
CA PRO A 43 13.78 -2.90 29.30
C PRO A 43 14.43 -4.04 30.11
N TYR A 44 15.49 -4.66 29.58
CA TYR A 44 16.32 -5.71 30.25
C TYR A 44 17.69 -5.13 30.64
N MET A 45 17.82 -3.80 30.76
CA MET A 45 19.15 -3.14 30.87
C MET A 45 19.97 -3.76 32.01
N GLY A 46 21.15 -4.32 31.67
CA GLY A 46 22.13 -4.93 32.62
C GLY A 46 21.77 -6.35 33.05
N GLU A 47 20.60 -6.87 32.66
CA GLU A 47 20.06 -8.17 33.14
C GLU A 47 20.54 -9.28 32.19
N ALA A 48 20.38 -10.54 32.59
CA ALA A 48 20.88 -11.73 31.86
C ALA A 48 20.24 -11.84 30.45
N GLU A 49 18.96 -11.50 30.31
CA GLU A 49 18.22 -11.56 29.02
C GLU A 49 18.52 -10.31 28.16
N GLU A 50 19.44 -9.42 28.54
CA GLU A 50 19.73 -8.22 27.71
C GLU A 50 20.27 -8.69 26.34
N ARG A 51 19.77 -8.08 25.27
CA ARG A 51 20.15 -8.45 23.87
C ARG A 51 21.55 -7.85 23.65
N LEU A 52 22.56 -8.72 23.45
CA LEU A 52 23.94 -8.31 23.10
C LEU A 52 24.27 -8.82 21.71
N ALA A 53 25.37 -8.30 21.15
CA ALA A 53 25.96 -8.64 19.83
C ALA A 53 27.30 -9.35 20.08
N SER A 54 27.69 -10.27 19.21
CA SER A 54 28.93 -11.08 19.30
C SER A 54 30.01 -10.47 18.42
N ALA A 55 29.60 -9.67 17.43
CA ALA A 55 30.47 -8.94 16.51
C ALA A 55 29.60 -8.05 15.62
N ALA A 56 30.22 -7.13 14.91
CA ALA A 56 29.54 -6.23 13.97
C ALA A 56 30.45 -6.12 12.75
N VAL A 57 29.82 -6.03 11.59
CA VAL A 57 30.46 -5.90 10.25
C VAL A 57 29.75 -4.72 9.59
N ALA A 58 30.52 -3.81 9.01
CA ALA A 58 30.01 -2.56 8.44
C ALA A 58 30.46 -2.48 7.00
N PRO A 59 29.69 -3.09 6.06
CA PRO A 59 30.04 -3.04 4.64
C PRO A 59 29.76 -1.67 3.98
N ASP A 60 30.48 -1.45 2.89
CA ASP A 60 30.46 -0.21 2.11
C ASP A 60 29.44 -0.33 0.95
N THR A 61 29.16 -1.54 0.45
CA THR A 61 28.36 -1.71 -0.80
C THR A 61 27.39 -2.89 -0.68
N SER A 62 26.35 -2.89 -1.49
CA SER A 62 25.38 -4.02 -1.55
C SER A 62 26.11 -5.30 -1.98
N GLU A 63 27.16 -5.22 -2.83
CA GLU A 63 27.95 -6.40 -3.27
C GLU A 63 28.69 -6.99 -2.05
N GLN A 64 29.17 -6.15 -1.13
CA GLN A 64 29.81 -6.65 0.12
C GLN A 64 28.75 -7.30 1.00
N VAL A 65 27.55 -6.72 1.08
CA VAL A 65 26.41 -7.35 1.78
C VAL A 65 26.14 -8.75 1.19
N GLN A 66 26.04 -8.92 -0.12
CA GLN A 66 25.85 -10.26 -0.72
C GLN A 66 26.87 -11.25 -0.17
N GLU A 67 28.15 -10.86 -0.14
CA GLU A 67 29.28 -11.78 0.21
C GLU A 67 29.21 -12.07 1.71
N ILE A 68 28.88 -11.08 2.53
CA ILE A 68 28.66 -11.26 3.99
C ILE A 68 27.55 -12.29 4.20
N ALA A 69 26.40 -12.14 3.53
CA ALA A 69 25.28 -13.08 3.65
C ALA A 69 25.76 -14.48 3.28
N ARG A 70 26.41 -14.65 2.12
CA ARG A 70 26.95 -15.94 1.62
C ARG A 70 27.79 -16.61 2.72
N ILE A 71 28.68 -15.84 3.36
CA ILE A 71 29.62 -16.34 4.39
C ILE A 71 28.80 -16.73 5.63
N ALA A 72 27.89 -15.86 6.09
CA ALA A 72 27.09 -16.15 7.31
C ALA A 72 26.27 -17.42 7.06
N ASN A 73 25.74 -17.60 5.86
CA ASN A 73 24.89 -18.76 5.50
C ASN A 73 25.77 -20.02 5.51
N GLN A 74 26.98 -19.91 4.96
CA GLN A 74 27.95 -21.03 4.89
C GLN A 74 28.27 -21.51 6.31
N TYR A 75 28.34 -20.62 7.31
CA TYR A 75 28.84 -20.95 8.68
C TYR A 75 27.72 -20.87 9.71
N SER A 76 26.47 -20.78 9.26
CA SER A 76 25.24 -20.62 10.09
C SER A 76 25.42 -19.53 11.15
N ILE A 77 26.06 -18.43 10.78
CA ILE A 77 26.25 -17.25 11.69
C ILE A 77 24.98 -16.42 11.70
N PRO A 78 24.31 -16.25 12.87
CA PRO A 78 23.13 -15.39 12.93
C PRO A 78 23.53 -13.92 12.73
N LEU A 79 22.82 -13.24 11.83
CA LEU A 79 23.09 -11.82 11.40
C LEU A 79 21.86 -11.01 11.77
N TYR A 80 22.03 -9.86 12.42
CA TYR A 80 20.96 -8.86 12.66
C TYR A 80 21.27 -7.58 11.89
N THR A 81 20.49 -7.30 10.87
CA THR A 81 20.69 -6.12 9.97
C THR A 81 20.08 -4.88 10.62
N ILE A 82 20.85 -3.79 10.69
CA ILE A 82 20.33 -2.42 11.02
C ILE A 82 20.75 -1.46 9.90
N SER A 83 20.02 -0.36 9.73
CA SER A 83 20.34 0.69 8.72
C SER A 83 21.19 1.76 9.38
N THR A 84 20.65 2.46 10.38
CA THR A 84 21.41 3.45 11.22
C THR A 84 21.26 3.10 12.72
N GLY A 85 20.41 2.14 13.11
CA GLY A 85 20.35 1.61 14.50
C GLY A 85 19.77 2.60 15.52
N LYS A 86 18.91 3.53 15.10
CA LYS A 86 18.37 4.63 15.97
C LYS A 86 16.98 4.25 16.48
N ASN A 87 16.71 2.95 16.58
CA ASN A 87 15.33 2.42 16.78
C ASN A 87 14.99 2.48 18.27
N LEU A 88 15.24 3.62 18.91
CA LEU A 88 15.08 3.80 20.37
C LEU A 88 13.58 3.77 20.71
N GLY A 89 13.21 3.05 21.78
CA GLY A 89 11.82 2.70 22.09
C GLY A 89 11.41 1.36 21.50
N TYR A 90 12.13 0.89 20.48
CA TYR A 90 11.75 -0.33 19.73
C TYR A 90 12.90 -1.33 19.58
N GLY A 91 13.98 -1.21 20.36
CA GLY A 91 15.09 -2.18 20.35
C GLY A 91 16.46 -1.52 20.20
N GLY A 92 16.48 -0.22 19.88
CA GLY A 92 17.74 0.49 19.64
C GLY A 92 18.55 -0.23 18.58
N SER A 93 19.85 -0.38 18.79
CA SER A 93 20.79 -0.96 17.81
C SER A 93 21.00 -2.46 18.08
N ALA A 94 20.25 -3.06 19.01
CA ALA A 94 20.55 -4.41 19.56
C ALA A 94 19.79 -5.49 18.80
N PRO A 95 20.36 -6.69 18.63
CA PRO A 95 19.66 -7.80 17.98
C PRO A 95 18.48 -8.36 18.80
N THR A 96 17.61 -9.13 18.16
CA THR A 96 16.46 -9.83 18.77
C THR A 96 16.95 -11.13 19.39
N TYR A 97 18.11 -11.64 18.95
CA TYR A 97 18.75 -12.88 19.45
C TYR A 97 20.19 -12.62 19.92
N SER A 98 20.43 -12.66 21.23
CA SER A 98 21.77 -12.45 21.86
C SER A 98 22.81 -13.37 21.23
N GLY A 99 23.97 -12.83 20.89
CA GLY A 99 25.03 -13.56 20.15
C GLY A 99 24.95 -13.36 18.64
N SER A 100 23.94 -12.63 18.15
CA SER A 100 23.83 -12.28 16.71
C SER A 100 24.99 -11.36 16.34
N VAL A 101 25.54 -11.54 15.13
CA VAL A 101 26.47 -10.57 14.50
C VAL A 101 25.64 -9.44 13.90
N VAL A 102 25.85 -8.21 14.34
CA VAL A 102 25.10 -7.05 13.78
C VAL A 102 25.70 -6.73 12.42
N LEU A 103 24.84 -6.66 11.40
CA LEU A 103 25.21 -6.21 10.05
C LEU A 103 24.81 -4.75 9.96
N ASP A 104 25.80 -3.87 10.10
CA ASP A 104 25.56 -2.41 10.28
C ASP A 104 25.68 -1.74 8.92
N LEU A 105 24.58 -1.24 8.35
CA LEU A 105 24.62 -0.70 6.96
C LEU A 105 24.86 0.82 6.95
N LYS A 106 25.29 1.44 8.06
CA LYS A 106 25.37 2.92 8.18
C LYS A 106 26.34 3.49 7.12
N ARG A 107 27.32 2.74 6.61
CA ARG A 107 28.31 3.24 5.60
C ARG A 107 27.64 3.33 4.22
N MET A 108 26.53 2.61 4.04
CA MET A 108 25.78 2.57 2.77
C MET A 108 24.79 3.74 2.76
N ASN A 109 25.34 4.94 2.58
CA ASN A 109 24.60 6.20 2.78
C ASN A 109 24.50 6.95 1.45
N ARG A 110 24.47 6.24 0.31
CA ARG A 110 24.33 6.87 -1.04
C ARG A 110 22.87 7.27 -1.35
N ILE A 111 22.68 8.51 -1.80
CA ILE A 111 21.41 8.95 -2.40
C ILE A 111 21.49 8.54 -3.87
N ILE A 112 20.79 7.48 -4.25
CA ILE A 112 20.98 6.89 -5.60
C ILE A 112 20.30 7.81 -6.63
N GLU A 113 19.13 8.35 -6.30
CA GLU A 113 18.38 9.22 -7.25
C GLU A 113 17.49 10.15 -6.47
N VAL A 114 17.39 11.38 -6.93
CA VAL A 114 16.31 12.32 -6.58
C VAL A 114 15.74 12.87 -7.88
N ASN A 115 14.42 12.79 -8.04
CA ASN A 115 13.70 13.34 -9.21
C ASN A 115 12.74 14.42 -8.75
N GLU A 116 13.07 15.67 -9.00
CA GLU A 116 12.21 16.84 -8.64
C GLU A 116 10.87 16.76 -9.35
N LYS A 117 10.88 16.56 -10.67
CA LYS A 117 9.65 16.62 -11.49
C LYS A 117 8.68 15.48 -11.19
N GLN A 118 9.16 14.30 -10.79
CA GLN A 118 8.26 13.16 -10.49
C GLN A 118 8.22 12.87 -8.98
N ALA A 119 8.91 13.68 -8.18
CA ALA A 119 8.75 13.71 -6.71
C ALA A 119 9.05 12.33 -6.13
N TYR A 120 10.24 11.78 -6.39
CA TYR A 120 10.71 10.52 -5.77
C TYR A 120 12.21 10.57 -5.50
N CYS A 121 12.64 9.65 -4.64
CA CYS A 121 14.06 9.32 -4.45
C CYS A 121 14.23 7.80 -4.35
N ILE A 122 15.46 7.37 -4.55
CA ILE A 122 15.96 6.02 -4.23
C ILE A 122 17.17 6.21 -3.33
N VAL A 123 17.19 5.52 -2.19
CA VAL A 123 18.26 5.74 -1.17
C VAL A 123 18.78 4.37 -0.71
N GLU A 124 20.00 4.39 -0.20
CA GLU A 124 20.56 3.27 0.57
C GLU A 124 20.14 3.37 2.03
N PRO A 125 20.33 2.30 2.82
CA PRO A 125 19.84 2.28 4.19
C PRO A 125 20.56 3.23 5.15
N GLY A 126 21.82 3.60 4.86
CA GLY A 126 22.59 4.52 5.70
C GLY A 126 22.14 5.98 5.56
N VAL A 127 21.29 6.31 4.58
CA VAL A 127 20.82 7.72 4.36
C VAL A 127 19.87 8.08 5.50
N SER A 128 20.27 8.97 6.40
CA SER A 128 19.48 9.44 7.54
C SER A 128 18.56 10.53 7.02
N TYR A 129 17.44 10.74 7.70
CA TYR A 129 16.55 11.90 7.50
C TYR A 129 17.34 13.22 7.52
N PHE A 130 18.31 13.39 8.43
CA PHE A 130 19.13 14.62 8.51
C PHE A 130 19.92 14.79 7.22
N ASP A 131 20.59 13.73 6.75
CA ASP A 131 21.42 13.73 5.53
C ASP A 131 20.52 14.12 4.36
N MET A 132 19.38 13.45 4.23
CA MET A 132 18.47 13.64 3.08
C MET A 132 17.92 15.09 3.09
N TYR A 133 17.44 15.58 4.22
CA TYR A 133 16.90 16.95 4.35
C TYR A 133 17.98 17.98 3.97
N ARG A 134 19.19 17.77 4.46
CA ARG A 134 20.31 18.67 4.14
C ARG A 134 20.53 18.64 2.64
N TYR A 135 20.60 17.44 2.02
CA TYR A 135 20.79 17.28 0.56
C TYR A 135 19.70 18.09 -0.18
N LEU A 136 18.44 17.89 0.17
CA LEU A 136 17.30 18.55 -0.51
C LEU A 136 17.37 20.07 -0.28
N GLN A 137 17.67 20.52 0.93
CA GLN A 137 17.67 21.97 1.24
C GLN A 137 18.82 22.66 0.50
N GLU A 138 20.02 22.10 0.44
CA GLU A 138 21.17 22.73 -0.27
C GLU A 138 20.88 22.83 -1.80
N LYS A 139 20.20 21.83 -2.36
CA LYS A 139 19.75 21.82 -3.78
C LYS A 139 18.55 22.74 -3.95
N LYS A 140 17.99 23.36 -2.89
CA LYS A 140 16.75 24.17 -2.98
C LYS A 140 15.66 23.31 -3.64
N SER A 141 15.57 22.06 -3.22
CA SER A 141 14.55 21.08 -3.67
C SER A 141 13.16 21.60 -3.32
N LYS A 142 12.18 21.33 -4.17
CA LYS A 142 10.74 21.58 -3.91
C LYS A 142 10.09 20.25 -3.53
N LEU A 143 10.85 19.39 -2.84
CA LEU A 143 10.34 18.10 -2.28
C LEU A 143 10.53 18.12 -0.77
N TRP A 144 9.56 17.53 -0.07
CA TRP A 144 9.54 17.31 1.39
C TRP A 144 9.77 15.83 1.71
N LEU A 145 10.42 15.60 2.85
CA LEU A 145 10.46 14.31 3.56
C LEU A 145 9.25 14.21 4.48
N ASP A 146 8.86 12.98 4.82
CA ASP A 146 7.97 12.70 5.97
C ASP A 146 8.87 12.11 7.06
N VAL A 147 9.07 12.85 8.15
CA VAL A 147 10.10 12.55 9.20
C VAL A 147 9.42 12.22 10.52
N PRO A 148 10.06 11.32 11.31
CA PRO A 148 9.64 11.12 12.69
C PRO A 148 10.09 12.34 13.49
N ASP A 149 9.65 12.42 14.75
CA ASP A 149 10.10 13.46 15.70
C ASP A 149 10.45 12.81 17.03
N PRO A 150 11.70 12.91 17.53
CA PRO A 150 12.79 13.60 16.85
C PRO A 150 13.22 12.95 15.53
N GLY A 151 13.97 13.68 14.72
CA GLY A 151 14.23 13.28 13.34
C GLY A 151 15.46 12.43 13.16
N TRP A 152 15.99 11.78 14.21
CA TRP A 152 17.11 10.83 14.02
C TRP A 152 16.58 9.60 13.29
N GLY A 153 17.47 8.83 12.70
CA GLY A 153 17.10 7.57 12.05
C GLY A 153 17.22 7.66 10.55
N SER A 154 16.80 6.58 9.93
CA SER A 154 17.08 6.18 8.53
C SER A 154 15.72 6.16 7.80
N MET A 155 15.63 6.70 6.60
CA MET A 155 14.41 6.55 5.79
C MET A 155 14.12 5.04 5.65
N VAL A 156 15.13 4.23 5.33
CA VAL A 156 14.90 2.76 5.10
C VAL A 156 14.57 2.10 6.43
N GLY A 157 15.41 2.30 7.46
CA GLY A 157 15.25 1.58 8.75
C GLY A 157 13.91 1.85 9.34
N ASN A 158 13.51 3.11 9.38
CA ASN A 158 12.19 3.52 9.93
C ASN A 158 11.08 2.87 9.11
N ALA A 159 11.16 2.94 7.79
CA ALA A 159 10.19 2.32 6.87
C ALA A 159 10.11 0.80 7.14
N MET A 160 11.22 0.12 7.41
CA MET A 160 11.27 -1.36 7.57
C MET A 160 10.59 -1.70 8.90
N ASP A 161 10.51 -0.76 9.84
CA ASP A 161 9.76 -0.96 11.11
C ASP A 161 8.33 -0.42 11.00
N ARG A 162 7.92 0.08 9.84
CA ARG A 162 6.60 0.67 9.56
C ARG A 162 6.35 1.85 10.51
N GLY A 163 7.31 2.76 10.55
CA GLY A 163 7.24 4.00 11.33
C GLY A 163 6.39 5.03 10.66
N ALA A 164 6.28 6.21 11.28
CA ALA A 164 5.27 7.23 10.98
C ALA A 164 5.81 8.65 11.17
N GLY A 165 5.21 9.60 10.46
CA GLY A 165 5.59 11.03 10.59
C GLY A 165 4.38 11.90 10.59
N TYR A 166 4.52 13.15 10.14
CA TYR A 166 3.56 14.22 10.48
C TYR A 166 3.22 15.14 9.31
N THR A 167 3.45 14.75 8.05
CA THR A 167 3.02 15.60 6.89
C THR A 167 1.65 15.13 6.39
N ALA A 168 1.46 15.01 5.06
CA ALA A 168 0.16 14.71 4.45
C ALA A 168 -0.09 13.19 4.58
N ALA A 169 -1.37 12.79 4.57
CA ALA A 169 -1.88 11.47 4.99
C ALA A 169 -1.16 10.37 4.17
N GLN A 170 -0.92 10.63 2.90
CA GLN A 170 -0.34 9.65 1.95
C GLN A 170 1.18 9.48 2.18
N PHE A 171 1.85 10.28 3.04
CA PHE A 171 3.31 10.14 3.33
C PHE A 171 3.57 9.81 4.81
N ARG A 172 2.56 9.90 5.65
CA ARG A 172 2.73 9.74 7.13
C ARG A 172 3.05 8.27 7.45
N ASN A 173 2.54 7.36 6.63
CA ASN A 173 2.85 5.91 6.67
C ASN A 173 4.07 5.63 5.81
N HIS A 174 5.25 5.55 6.41
CA HIS A 174 6.55 5.59 5.70
C HIS A 174 6.69 4.38 4.79
N PHE A 175 6.34 3.18 5.28
CA PHE A 175 6.44 1.97 4.43
C PHE A 175 5.46 2.09 3.24
N ASP A 176 4.26 2.61 3.46
CA ASP A 176 3.23 2.72 2.40
C ASP A 176 3.68 3.70 1.29
N ALA A 177 4.50 4.69 1.61
CA ALA A 177 5.04 5.66 0.63
C ALA A 177 6.24 5.09 -0.13
N HIS A 178 6.75 3.89 0.22
CA HIS A 178 7.95 3.33 -0.45
C HIS A 178 7.50 2.77 -1.82
N CYS A 179 8.39 2.78 -2.79
CA CYS A 179 8.11 2.25 -4.13
C CYS A 179 9.38 1.59 -4.63
N GLY A 180 9.42 0.28 -4.60
CA GLY A 180 10.59 -0.50 -5.04
C GLY A 180 11.56 -0.72 -3.90
N MET A 181 12.19 -1.89 -3.93
CA MET A 181 13.24 -2.26 -2.95
C MET A 181 14.27 -3.13 -3.67
N GLU A 182 15.49 -3.12 -3.16
CA GLU A 182 16.50 -4.15 -3.45
C GLU A 182 16.72 -4.89 -2.15
N VAL A 183 16.75 -6.22 -2.22
CA VAL A 183 16.91 -7.12 -1.07
C VAL A 183 18.01 -8.11 -1.40
N VAL A 184 18.87 -8.36 -0.42
CA VAL A 184 19.83 -9.50 -0.44
C VAL A 184 19.21 -10.62 0.41
N LEU A 185 19.10 -11.81 -0.13
CA LEU A 185 18.50 -12.95 0.62
C LEU A 185 19.61 -13.65 1.43
N ALA A 186 19.23 -14.52 2.34
CA ALA A 186 20.13 -15.23 3.26
C ALA A 186 21.27 -15.93 2.53
N ASN A 187 21.04 -16.38 1.29
CA ASN A 187 22.03 -17.16 0.48
C ASN A 187 22.97 -16.20 -0.26
N GLY A 188 22.78 -14.89 -0.12
CA GLY A 188 23.66 -13.88 -0.73
C GLY A 188 23.21 -13.49 -2.12
N GLU A 189 22.09 -14.00 -2.63
CA GLU A 189 21.58 -13.51 -3.94
C GLU A 189 20.97 -12.11 -3.74
N VAL A 190 21.04 -11.28 -4.77
CA VAL A 190 20.36 -9.96 -4.78
C VAL A 190 19.10 -10.04 -5.67
N MET A 191 18.00 -9.44 -5.17
CA MET A 191 16.68 -9.40 -5.84
C MET A 191 16.15 -7.97 -5.79
N ARG A 192 15.55 -7.47 -6.88
CA ARG A 192 14.81 -6.18 -6.89
C ARG A 192 13.29 -6.45 -7.01
N THR A 193 12.51 -5.77 -6.20
CA THR A 193 11.05 -5.94 -6.19
C THR A 193 10.40 -4.91 -7.13
N GLY A 194 9.13 -5.12 -7.39
CA GLY A 194 8.36 -4.28 -8.31
C GLY A 194 9.02 -4.25 -9.68
N MET A 195 9.04 -3.05 -10.25
CA MET A 195 9.50 -2.85 -11.64
C MET A 195 11.03 -2.97 -11.68
N GLY A 196 11.73 -2.86 -10.55
CA GLY A 196 13.20 -3.01 -10.54
C GLY A 196 13.65 -4.43 -10.92
N ALA A 197 12.76 -5.43 -10.91
CA ALA A 197 13.06 -6.83 -11.30
C ALA A 197 13.34 -6.90 -12.82
N MET A 198 12.90 -5.89 -13.56
CA MET A 198 13.23 -5.72 -14.99
C MET A 198 14.55 -4.96 -15.08
N PRO A 199 15.63 -5.55 -15.61
CA PRO A 199 16.90 -4.81 -15.71
C PRO A 199 16.68 -3.56 -16.57
N LYS A 200 17.21 -2.42 -16.15
CA LYS A 200 17.04 -1.15 -16.92
C LYS A 200 15.61 -0.60 -16.81
N SER A 201 14.79 -1.13 -15.91
CA SER A 201 13.44 -0.60 -15.63
C SER A 201 13.54 0.91 -15.46
N LYS A 202 12.60 1.64 -16.03
CA LYS A 202 12.51 3.10 -15.87
C LYS A 202 11.51 3.45 -14.76
N THR A 203 10.83 2.47 -14.19
CA THR A 203 9.65 2.71 -13.35
C THR A 203 9.85 2.13 -11.95
N TRP A 204 11.07 1.90 -11.50
CA TRP A 204 11.28 1.21 -10.19
C TRP A 204 10.66 2.04 -9.06
N ALA A 205 10.76 3.36 -9.12
CA ALA A 205 10.25 4.25 -8.05
C ALA A 205 8.91 4.87 -8.48
N MET A 206 8.26 4.35 -9.50
CA MET A 206 7.04 4.98 -10.02
C MET A 206 5.82 4.05 -9.89
N TYR A 207 5.99 2.75 -10.00
CA TYR A 207 4.88 1.78 -10.03
C TYR A 207 5.21 0.73 -8.98
N LYS A 208 4.45 0.70 -7.90
CA LYS A 208 4.80 -0.03 -6.66
C LYS A 208 4.86 -1.57 -6.87
N THR A 209 3.83 -2.23 -7.39
CA THR A 209 3.71 -3.71 -7.22
C THR A 209 4.58 -4.52 -8.19
N GLY A 210 4.95 -3.95 -9.34
CA GLY A 210 5.44 -4.69 -10.52
C GLY A 210 4.43 -5.71 -11.00
N PHE A 211 4.88 -6.93 -11.25
CA PHE A 211 4.14 -7.98 -11.97
C PHE A 211 4.18 -9.28 -11.16
N GLY A 212 3.02 -9.88 -10.96
CA GLY A 212 2.85 -11.08 -10.14
C GLY A 212 2.80 -10.73 -8.66
N PRO A 213 3.07 -11.69 -7.75
CA PRO A 213 2.85 -11.47 -6.31
C PRO A 213 3.54 -10.18 -5.83
N ALA A 214 2.83 -9.36 -5.08
CA ALA A 214 3.39 -8.08 -4.61
C ALA A 214 4.07 -8.36 -3.27
N ILE A 215 5.39 -8.43 -3.25
CA ILE A 215 6.09 -9.09 -2.10
C ILE A 215 6.71 -8.11 -1.10
N ASP A 216 6.77 -6.82 -1.39
CA ASP A 216 7.63 -5.87 -0.61
C ASP A 216 7.28 -5.94 0.87
N GLY A 217 5.99 -5.95 1.17
CA GLY A 217 5.45 -5.96 2.53
C GLY A 217 6.08 -7.04 3.40
N ILE A 218 6.46 -8.19 2.85
CA ILE A 218 6.90 -9.36 3.68
C ILE A 218 8.25 -9.06 4.32
N PHE A 219 9.02 -8.09 3.81
CA PHE A 219 10.34 -7.70 4.36
C PHE A 219 10.19 -6.74 5.53
N SER A 220 9.03 -6.12 5.71
CA SER A 220 8.81 -5.15 6.81
C SER A 220 8.34 -5.90 8.07
N GLN A 221 8.79 -5.42 9.23
CA GLN A 221 8.63 -6.09 10.55
C GLN A 221 8.91 -7.60 10.40
N SER A 222 10.05 -7.94 9.82
CA SER A 222 10.32 -9.31 9.34
C SER A 222 11.83 -9.63 9.45
N ASN A 223 12.20 -10.84 9.02
CA ASN A 223 13.61 -11.28 8.95
C ASN A 223 13.77 -12.15 7.70
N PHE A 224 13.25 -11.69 6.55
CA PHE A 224 13.19 -12.51 5.32
C PHE A 224 14.26 -12.08 4.34
N GLY A 225 14.84 -10.92 4.55
CA GLY A 225 15.87 -10.38 3.65
C GLY A 225 16.56 -9.16 4.23
N ILE A 226 17.61 -8.73 3.54
CA ILE A 226 18.44 -7.55 3.92
C ILE A 226 18.15 -6.46 2.88
N VAL A 227 17.53 -5.36 3.28
CA VAL A 227 17.16 -4.28 2.31
C VAL A 227 18.36 -3.39 2.07
N THR A 228 18.78 -3.31 0.81
CA THR A 228 19.99 -2.57 0.39
C THR A 228 19.59 -1.27 -0.32
N LYS A 229 18.40 -1.18 -0.90
CA LYS A 229 17.92 0.05 -1.59
C LYS A 229 16.41 0.14 -1.45
N MET A 230 15.92 1.36 -1.45
CA MET A 230 14.47 1.60 -1.40
C MET A 230 14.17 2.91 -2.14
N GLY A 231 13.06 2.92 -2.88
CA GLY A 231 12.43 4.12 -3.44
C GLY A 231 11.40 4.68 -2.50
N PHE A 232 11.27 6.00 -2.45
CA PHE A 232 10.14 6.66 -1.75
C PHE A 232 9.48 7.65 -2.71
N TRP A 233 8.15 7.67 -2.65
CA TRP A 233 7.33 8.78 -3.14
C TRP A 233 7.49 9.93 -2.14
N LEU A 234 7.77 11.12 -2.64
CA LEU A 234 8.01 12.32 -1.81
C LEU A 234 6.91 13.33 -2.11
N MET A 235 6.56 14.12 -1.10
CA MET A 235 5.51 15.15 -1.19
C MET A 235 6.07 16.40 -1.85
N PRO A 236 5.51 16.87 -2.98
CA PRO A 236 5.85 18.21 -3.47
C PRO A 236 5.64 19.27 -2.38
N GLU A 237 6.55 20.23 -2.29
CA GLU A 237 6.37 21.36 -1.35
C GLU A 237 5.09 22.06 -1.76
N PRO A 238 4.09 22.21 -0.85
CA PRO A 238 2.84 22.87 -1.20
C PRO A 238 3.03 24.39 -1.30
N GLU A 239 2.05 25.04 -1.91
CA GLU A 239 2.01 26.53 -2.01
C GLU A 239 1.96 27.13 -0.60
N ALA A 240 1.14 26.55 0.29
CA ALA A 240 0.81 27.16 1.58
C ALA A 240 0.36 26.09 2.57
N PHE A 241 0.34 26.53 3.83
CA PHE A 241 0.06 25.78 5.06
C PHE A 241 -0.93 26.60 5.88
N LEU A 242 -1.98 25.96 6.39
CA LEU A 242 -3.02 26.59 7.24
C LEU A 242 -3.37 25.58 8.33
N LYS A 243 -3.32 26.00 9.59
CA LYS A 243 -3.80 25.17 10.72
C LYS A 243 -4.92 25.93 11.42
N GLY A 244 -6.09 25.30 11.48
CA GLY A 244 -7.30 25.80 12.12
C GLY A 244 -7.51 25.06 13.42
N HIS A 245 -8.03 25.76 14.42
CA HIS A 245 -8.42 25.22 15.74
C HIS A 245 -9.94 25.18 15.82
N ILE A 246 -10.50 24.02 16.20
CA ILE A 246 -11.93 23.84 16.59
C ILE A 246 -11.96 23.60 18.10
N HIS A 247 -12.74 24.41 18.80
CA HIS A 247 -12.87 24.37 20.27
C HIS A 247 -14.27 23.89 20.62
N LEU A 248 -14.37 22.78 21.34
CA LEU A 248 -15.69 22.22 21.75
C LEU A 248 -15.79 22.24 23.28
N SER A 249 -17.00 22.42 23.82
CA SER A 249 -17.22 22.75 25.27
C SER A 249 -17.37 21.50 26.13
N GLN A 250 -17.80 20.35 25.57
CA GLN A 250 -18.25 19.21 26.41
C GLN A 250 -17.40 17.96 26.22
N TYR A 251 -17.26 17.18 27.29
CA TYR A 251 -16.60 15.86 27.26
C TYR A 251 -17.31 15.02 26.19
N SER A 252 -18.64 15.01 26.15
CA SER A 252 -19.46 14.11 25.30
C SER A 252 -19.26 14.49 23.83
N ASP A 253 -18.68 15.67 23.56
CA ASP A 253 -18.38 16.13 22.18
C ASP A 253 -17.39 15.18 21.48
N MET A 254 -16.53 14.44 22.20
CA MET A 254 -15.52 13.50 21.60
C MET A 254 -16.19 12.63 20.54
N VAL A 255 -17.36 12.06 20.80
CA VAL A 255 -17.91 10.98 19.92
C VAL A 255 -18.25 11.59 18.56
N PRO A 256 -19.10 12.63 18.47
CA PRO A 256 -19.35 13.28 17.18
C PRO A 256 -18.11 14.02 16.61
N LEU A 257 -17.18 14.52 17.43
CA LEU A 257 -15.92 15.11 16.92
C LEU A 257 -15.21 14.06 16.05
N VAL A 258 -14.98 12.86 16.60
CA VAL A 258 -14.27 11.77 15.89
C VAL A 258 -15.00 11.45 14.58
N GLU A 259 -16.33 11.43 14.62
CA GLU A 259 -17.17 11.06 13.44
C GLU A 259 -16.96 12.10 12.35
N LEU A 260 -17.05 13.37 12.73
CA LEU A 260 -17.04 14.47 11.75
C LEU A 260 -15.61 14.64 11.23
N MET A 261 -14.62 14.63 12.11
CA MET A 261 -13.19 14.75 11.73
C MET A 261 -12.83 13.63 10.72
N THR A 262 -13.27 12.40 11.00
CA THR A 262 -12.96 11.21 10.16
C THR A 262 -13.63 11.38 8.80
N GLU A 263 -14.88 11.85 8.77
CA GLU A 263 -15.58 12.10 7.48
C GLU A 263 -14.84 13.15 6.64
N LEU A 264 -14.42 14.25 7.25
CA LEU A 264 -13.74 15.34 6.49
C LEU A 264 -12.39 14.81 6.01
N GLU A 265 -11.72 14.02 6.83
CA GLU A 265 -10.40 13.43 6.47
C GLU A 265 -10.59 12.46 5.29
N ASN A 266 -11.58 11.58 5.37
CA ASN A 266 -11.81 10.54 4.34
C ASN A 266 -12.32 11.24 3.08
N SER A 267 -12.92 12.44 3.21
CA SER A 267 -13.38 13.26 2.07
C SER A 267 -12.25 14.16 1.54
N LYS A 268 -11.05 14.10 2.15
CA LYS A 268 -9.85 14.88 1.78
C LYS A 268 -10.15 16.38 1.77
N ILE A 269 -10.95 16.81 2.74
CA ILE A 269 -11.11 18.26 3.04
C ILE A 269 -9.77 18.79 3.57
N PHE A 270 -9.07 18.00 4.39
CA PHE A 270 -7.68 18.26 4.85
C PHE A 270 -6.87 16.97 4.68
N THR A 271 -5.55 17.11 4.56
CA THR A 271 -4.61 15.97 4.40
C THR A 271 -3.52 16.02 5.45
N GLY A 272 -3.46 17.07 6.26
CA GLY A 272 -2.47 17.18 7.35
C GLY A 272 -2.88 16.40 8.58
N TYR A 273 -1.97 16.31 9.52
CA TYR A 273 -2.12 15.53 10.76
C TYR A 273 -3.16 16.25 11.59
N PRO A 274 -4.29 15.60 11.92
CA PRO A 274 -5.32 16.19 12.78
C PRO A 274 -4.85 15.94 14.22
N ASP A 275 -4.74 17.02 15.00
CA ASP A 275 -4.22 16.98 16.39
C ASP A 275 -5.41 17.19 17.33
N ILE A 276 -5.76 16.18 18.13
CA ILE A 276 -6.86 16.31 19.12
C ILE A 276 -6.25 16.38 20.51
N ASN A 277 -6.63 17.38 21.30
CA ASN A 277 -6.18 17.41 22.72
C ASN A 277 -7.29 18.01 23.60
N SER A 278 -7.10 17.93 24.92
CA SER A 278 -8.04 18.55 25.90
C SER A 278 -7.31 19.67 26.66
N PRO A 279 -7.58 20.95 26.33
CA PRO A 279 -7.15 22.06 27.19
C PRO A 279 -7.59 21.80 28.63
N ALA A 280 -8.86 21.44 28.83
CA ALA A 280 -9.47 21.16 30.15
C ALA A 280 -8.63 20.17 30.96
N MET A 281 -8.23 19.05 30.36
CA MET A 281 -7.48 18.01 31.14
C MET A 281 -5.97 18.26 31.05
N GLY A 282 -5.55 19.28 30.28
CA GLY A 282 -4.13 19.60 30.03
C GLY A 282 -3.39 18.47 29.33
N THR A 283 -4.04 17.72 28.43
CA THR A 283 -3.37 16.61 27.69
C THR A 283 -2.40 17.21 26.68
N PRO A 284 -1.30 16.52 26.36
CA PRO A 284 -0.28 17.01 25.44
C PRO A 284 -0.83 17.22 24.03
N SER A 285 -0.21 18.15 23.30
CA SER A 285 -0.61 18.57 21.94
C SER A 285 0.61 19.19 21.26
N LEU A 286 0.58 19.39 19.94
CA LEU A 286 1.67 20.11 19.22
C LEU A 286 1.82 21.50 19.82
N ALA A 287 0.69 22.15 20.18
CA ALA A 287 0.60 23.54 20.74
C ALA A 287 1.17 23.63 22.16
N GLY A 288 0.75 22.73 23.06
CA GLY A 288 1.29 22.64 24.43
C GLY A 288 2.78 22.30 24.44
N LEU A 289 3.26 21.55 23.45
CA LEU A 289 4.71 21.19 23.35
C LEU A 289 5.51 22.45 22.97
N HIS A 290 5.01 23.24 22.02
CA HIS A 290 5.67 24.49 21.57
C HIS A 290 5.82 25.45 22.77
N GLU A 291 4.74 25.62 23.54
CA GLU A 291 4.71 26.52 24.73
C GLU A 291 5.75 26.06 25.78
N PHE A 292 5.71 24.79 26.17
CA PHE A 292 6.65 24.17 27.15
C PHE A 292 8.09 24.37 26.67
N LEU A 293 8.34 24.36 25.35
CA LEU A 293 9.69 24.52 24.72
C LEU A 293 10.09 26.01 24.64
N ALA A 294 9.15 26.91 24.32
CA ALA A 294 9.38 28.36 24.15
C ALA A 294 9.55 29.06 25.51
N HIS A 295 8.59 28.87 26.43
CA HIS A 295 8.49 29.63 27.72
C HIS A 295 8.76 28.74 28.94
N GLY A 296 9.14 27.48 28.76
CA GLY A 296 9.35 26.53 29.88
C GLY A 296 8.04 26.16 30.56
N PRO A 297 8.07 25.69 31.84
CA PRO A 297 6.82 25.40 32.55
C PRO A 297 6.03 26.67 32.91
N LYS A 298 4.75 26.49 33.24
CA LYS A 298 3.75 27.55 33.54
C LYS A 298 3.13 27.22 34.91
N GLU A 299 2.74 28.25 35.68
CA GLU A 299 2.04 28.05 36.97
C GLU A 299 0.65 27.47 36.66
N GLN A 300 0.40 26.24 37.11
CA GLN A 300 -0.89 25.53 36.94
C GLN A 300 -1.90 26.08 37.94
N ASP A 301 -3.16 26.22 37.53
CA ASP A 301 -4.32 26.48 38.44
C ASP A 301 -4.39 25.38 39.50
N PRO A 302 -4.47 25.73 40.81
CA PRO A 302 -4.60 24.74 41.87
C PRO A 302 -5.91 23.92 41.84
N GLU A 303 -6.98 24.47 41.26
CA GLU A 303 -8.26 23.77 40.98
C GLU A 303 -7.99 22.61 40.01
N PHE A 304 -7.21 22.87 38.95
CA PHE A 304 -6.74 21.86 37.97
C PHE A 304 -5.86 20.82 38.69
N MET A 305 -4.94 21.31 39.52
CA MET A 305 -3.94 20.44 40.21
C MET A 305 -4.65 19.57 41.25
N ALA A 306 -5.77 20.03 41.82
CA ALA A 306 -6.59 19.26 42.78
C ALA A 306 -7.16 18.04 42.02
N LEU A 307 -7.77 18.30 40.86
CA LEU A 307 -8.39 17.25 40.00
C LEU A 307 -7.31 16.25 39.59
N LEU A 308 -6.20 16.72 39.02
CA LEU A 308 -5.07 15.87 38.54
C LEU A 308 -4.52 15.05 39.72
N GLY A 309 -4.38 15.68 40.89
CA GLY A 309 -3.79 15.07 42.10
C GLY A 309 -4.58 13.86 42.58
N ARG A 310 -5.92 13.95 42.57
CA ARG A 310 -6.83 12.90 43.08
C ARG A 310 -7.22 11.91 41.97
N GLY A 311 -6.49 11.90 40.84
CA GLY A 311 -6.83 11.11 39.65
C GLY A 311 -8.31 11.20 39.31
N ALA A 312 -8.86 12.42 39.28
CA ALA A 312 -10.25 12.71 38.84
C ALA A 312 -10.47 12.17 37.43
N LYS A 313 -11.69 11.80 37.11
CA LYS A 313 -12.06 11.27 35.78
C LYS A 313 -12.38 12.45 34.87
N PRO A 314 -12.30 12.27 33.54
CA PRO A 314 -12.52 13.36 32.59
C PRO A 314 -13.78 14.20 32.83
N GLU A 315 -14.89 13.53 33.17
CA GLU A 315 -16.22 14.18 33.31
C GLU A 315 -16.14 15.24 34.40
N GLU A 316 -15.30 15.03 35.41
CA GLU A 316 -15.12 15.95 36.58
C GLU A 316 -14.38 17.22 36.18
N TYR A 317 -13.72 17.26 35.02
CA TYR A 317 -13.03 18.49 34.55
C TYR A 317 -14.00 19.42 33.81
N GLU A 318 -15.22 18.98 33.48
CA GLU A 318 -16.10 19.75 32.58
C GLU A 318 -16.55 21.05 33.27
N ALA A 319 -16.95 21.00 34.54
CA ALA A 319 -17.41 22.17 35.33
C ALA A 319 -16.28 23.21 35.49
N TYR A 320 -15.11 22.79 35.98
CA TYR A 320 -13.84 23.59 36.01
C TYR A 320 -13.62 24.29 34.66
N ALA A 321 -13.58 23.51 33.58
CA ALA A 321 -13.28 23.99 32.21
C ALA A 321 -14.29 25.08 31.78
N LYS A 322 -15.58 24.88 32.06
CA LYS A 322 -16.66 25.85 31.69
C LYS A 322 -16.61 27.08 32.61
N LYS A 323 -16.00 26.97 33.80
CA LYS A 323 -15.82 28.10 34.75
C LYS A 323 -14.71 29.01 34.22
N LYS A 324 -13.51 28.48 34.00
CA LYS A 324 -12.35 29.22 33.44
C LYS A 324 -12.55 29.46 31.94
N GLY A 325 -13.67 29.00 31.36
CA GLY A 325 -14.04 29.20 29.94
C GLY A 325 -13.06 28.57 28.95
N ILE A 326 -12.37 27.48 29.32
CA ILE A 326 -11.39 26.80 28.42
C ILE A 326 -12.08 25.62 27.72
N PRO A 327 -11.70 25.31 26.45
CA PRO A 327 -12.37 24.26 25.69
C PRO A 327 -12.15 22.90 26.38
N PHE A 328 -13.11 21.99 26.26
CA PHE A 328 -12.85 20.60 26.67
C PHE A 328 -12.02 19.90 25.61
N TRP A 329 -12.32 20.16 24.36
CA TRP A 329 -11.54 19.58 23.24
C TRP A 329 -11.11 20.67 22.29
N THR A 330 -9.89 20.52 21.78
CA THR A 330 -9.35 21.30 20.63
C THR A 330 -8.96 20.28 19.58
N CYS A 331 -9.48 20.46 18.38
CA CYS A 331 -9.02 19.71 17.20
C CYS A 331 -8.31 20.69 16.26
N ALA A 332 -7.02 20.49 16.01
CA ALA A 332 -6.25 21.31 15.04
C ALA A 332 -6.20 20.58 13.70
N LEU A 333 -6.78 21.19 12.66
CA LEU A 333 -6.79 20.64 11.28
C LEU A 333 -5.70 21.35 10.49
N THR A 334 -4.84 20.59 9.82
CA THR A 334 -3.73 21.13 9.01
C THR A 334 -4.03 20.87 7.54
N PHE A 335 -3.94 21.92 6.75
CA PHE A 335 -4.26 21.98 5.31
C PHE A 335 -2.98 22.33 4.55
N TYR A 336 -2.68 21.60 3.49
CA TYR A 336 -1.58 21.90 2.55
C TYR A 336 -2.17 22.16 1.17
N GLY A 337 -1.72 23.21 0.49
CA GLY A 337 -2.21 23.52 -0.87
C GLY A 337 -2.14 25.02 -1.16
N PRO A 338 -2.64 25.44 -2.34
CA PRO A 338 -2.83 26.86 -2.67
C PRO A 338 -3.63 27.55 -1.56
N GLU A 339 -3.20 28.76 -1.24
CA GLU A 339 -3.86 29.58 -0.19
C GLU A 339 -5.39 29.60 -0.39
N LYS A 340 -5.88 29.88 -1.60
CA LYS A 340 -7.35 30.04 -1.79
C LYS A 340 -8.00 28.67 -1.57
N VAL A 341 -7.27 27.60 -1.91
CA VAL A 341 -7.82 26.21 -1.76
C VAL A 341 -7.94 25.94 -0.27
N ILE A 342 -6.86 26.08 0.49
CA ILE A 342 -6.89 25.66 1.91
C ILE A 342 -7.82 26.56 2.72
N ARG A 343 -7.89 27.85 2.39
CA ARG A 343 -8.83 28.78 3.07
C ARG A 343 -10.25 28.29 2.80
N ALA A 344 -10.57 27.81 1.60
CA ALA A 344 -11.91 27.31 1.26
C ALA A 344 -12.19 26.02 2.03
N GLN A 345 -11.18 25.15 2.14
CA GLN A 345 -11.29 23.85 2.86
C GLN A 345 -11.58 24.11 4.35
N TRP A 346 -10.80 24.97 4.97
CA TRP A 346 -10.99 25.38 6.39
C TRP A 346 -12.38 26.04 6.57
N GLU A 347 -12.79 26.90 5.64
CA GLU A 347 -14.15 27.52 5.66
C GLU A 347 -15.20 26.41 5.68
N TYR A 348 -15.08 25.45 4.75
CA TYR A 348 -16.03 24.33 4.69
C TYR A 348 -16.01 23.52 6.01
N ALA A 349 -14.84 23.26 6.61
CA ALA A 349 -14.75 22.46 7.86
C ALA A 349 -15.48 23.20 9.00
N GLN A 350 -15.32 24.52 9.06
CA GLN A 350 -15.95 25.39 10.08
C GLN A 350 -17.47 25.29 9.96
N GLU A 351 -17.99 25.34 8.73
CA GLU A 351 -19.44 25.30 8.44
C GLU A 351 -19.97 23.96 8.93
N ARG A 352 -19.25 22.86 8.65
CA ARG A 352 -19.68 21.51 9.05
C ARG A 352 -19.69 21.42 10.57
N PHE A 353 -18.65 21.88 11.24
CA PHE A 353 -18.49 21.76 12.71
C PHE A 353 -19.49 22.68 13.42
N LYS A 354 -19.77 23.87 12.85
CA LYS A 354 -20.77 24.83 13.40
C LYS A 354 -22.17 24.22 13.34
N LYS A 355 -22.52 23.54 12.24
CA LYS A 355 -23.82 22.81 12.13
C LYS A 355 -23.86 21.65 13.14
N ALA A 356 -22.78 20.90 13.35
CA ALA A 356 -22.78 19.76 14.30
C ALA A 356 -22.70 20.25 15.75
N PHE A 357 -21.97 21.36 16.01
CA PHE A 357 -21.71 21.94 17.35
C PHE A 357 -22.04 23.43 17.33
N PRO A 358 -23.30 23.83 17.61
CA PRO A 358 -23.68 25.25 17.49
C PRO A 358 -22.87 26.17 18.44
N ASP A 359 -22.33 25.62 19.53
CA ASP A 359 -21.42 26.28 20.53
C ASP A 359 -19.96 26.30 20.10
N ALA A 360 -19.56 25.60 19.04
CA ALA A 360 -18.14 25.52 18.60
C ALA A 360 -17.58 26.95 18.40
N LYS A 361 -16.33 27.16 18.82
CA LYS A 361 -15.46 28.30 18.46
C LYS A 361 -14.32 27.84 17.55
N PHE A 362 -13.78 28.79 16.80
CA PHE A 362 -12.76 28.57 15.75
C PHE A 362 -11.69 29.65 15.83
N ALA A 363 -10.49 29.31 15.42
CA ALA A 363 -9.37 30.26 15.24
C ALA A 363 -8.45 29.72 14.15
N GLU A 364 -7.86 30.61 13.35
CA GLU A 364 -6.72 30.25 12.48
C GLU A 364 -5.45 30.34 13.31
N HIS A 365 -4.80 29.22 13.55
CA HIS A 365 -3.67 29.09 14.50
C HIS A 365 -2.36 29.45 13.80
N GLU A 366 -2.20 29.00 12.55
CA GLU A 366 -0.92 29.12 11.80
C GLU A 366 -1.26 29.27 10.32
N PHE A 367 -0.60 30.19 9.64
CA PHE A 367 -0.68 30.31 8.17
C PHE A 367 0.70 30.68 7.64
N TYR A 368 1.19 29.98 6.64
CA TYR A 368 2.49 30.32 5.99
C TYR A 368 2.37 30.14 4.48
N LYS A 369 2.90 31.10 3.73
CA LYS A 369 3.18 30.90 2.29
C LYS A 369 4.53 30.21 2.22
N LEU A 370 4.63 29.10 1.53
CA LEU A 370 5.87 28.32 1.43
C LEU A 370 6.60 28.74 0.16
N PRO A 371 7.94 28.60 0.08
CA PRO A 371 8.73 27.97 1.13
C PRO A 371 8.96 28.88 2.35
N LEU A 372 9.28 28.25 3.48
CA LEU A 372 9.71 28.95 4.73
C LEU A 372 11.16 29.39 4.54
N THR A 373 11.55 30.51 5.14
CA THR A 373 12.99 30.85 5.32
C THR A 373 13.51 29.98 6.45
N PRO A 374 14.85 29.89 6.68
CA PRO A 374 15.37 29.14 7.83
C PRO A 374 14.83 29.69 9.17
N GLU A 375 14.56 30.99 9.22
CA GLU A 375 14.14 31.75 10.43
C GLU A 375 12.69 31.44 10.76
N GLN A 376 11.81 31.44 9.76
CA GLN A 376 10.40 31.03 9.97
C GLN A 376 10.37 29.56 10.40
N ALA A 377 11.19 28.70 9.76
CA ALA A 377 11.21 27.24 10.03
C ALA A 377 11.54 26.98 11.51
N GLU A 378 12.54 27.68 12.04
CA GLU A 378 12.87 27.67 13.48
C GLU A 378 11.63 27.95 14.34
N LYS A 379 10.70 28.80 13.88
CA LYS A 379 9.61 29.37 14.72
C LYS A 379 8.23 28.74 14.45
N VAL A 380 8.10 27.78 13.53
CA VAL A 380 6.79 27.10 13.34
C VAL A 380 6.47 26.25 14.58
N GLU A 381 5.21 25.98 14.80
CA GLU A 381 4.76 25.20 15.97
C GLU A 381 5.43 23.82 15.98
N TYR A 382 5.38 23.07 14.88
CA TYR A 382 5.86 21.66 14.83
C TYR A 382 6.54 21.43 13.50
N PRO A 383 7.88 21.62 13.46
CA PRO A 383 8.65 21.51 12.24
C PRO A 383 8.47 20.19 11.45
N ALA A 384 8.19 19.08 12.12
CA ALA A 384 7.99 17.79 11.41
C ALA A 384 6.80 17.89 10.46
N GLN A 385 5.85 18.82 10.68
CA GLN A 385 4.70 19.04 9.77
C GLN A 385 5.16 19.61 8.43
N PHE A 386 6.41 20.10 8.36
CA PHE A 386 7.03 20.67 7.15
C PHE A 386 8.13 19.74 6.62
N GLY A 387 8.17 18.50 7.12
CA GLY A 387 9.21 17.52 6.74
C GLY A 387 10.59 17.89 7.28
N ILE A 388 10.68 18.66 8.37
CA ILE A 388 11.98 19.13 8.92
C ILE A 388 12.37 18.20 10.06
N PRO A 389 13.40 17.34 9.89
CA PRO A 389 13.83 16.47 10.97
C PRO A 389 14.51 17.38 11.99
N ASN A 390 14.21 17.24 13.27
CA ASN A 390 14.76 18.21 14.24
C ASN A 390 14.96 17.53 15.58
N LEU A 391 15.62 18.22 16.50
CA LEU A 391 15.98 17.69 17.84
C LEU A 391 15.43 18.66 18.90
N ARG A 392 14.38 19.43 18.58
CA ARG A 392 13.76 20.38 19.55
C ARG A 392 13.37 19.65 20.83
N THR A 393 12.72 18.47 20.73
CA THR A 393 12.17 17.69 21.88
C THR A 393 13.27 16.79 22.49
N PHE A 394 14.55 17.04 22.16
CA PHE A 394 15.73 16.43 22.82
C PHE A 394 16.32 17.44 23.82
N ALA A 395 15.66 18.60 24.00
CA ALA A 395 16.06 19.68 24.94
C ALA A 395 15.28 19.59 26.25
N GLY A 410 14.89 6.57 29.36
CA GLY A 410 14.47 6.19 28.01
C GLY A 410 13.09 5.57 28.03
N HIS A 411 12.66 4.94 26.94
CA HIS A 411 11.27 4.45 26.98
C HIS A 411 10.89 3.43 25.92
N ALA A 412 9.68 2.89 26.06
CA ALA A 412 9.09 1.94 25.11
C ALA A 412 7.61 2.25 25.18
N TRP A 413 6.79 1.69 24.29
CA TRP A 413 5.37 2.10 24.33
C TRP A 413 4.42 0.95 24.05
N PHE A 414 3.18 1.10 24.51
CA PHE A 414 2.13 0.14 24.14
C PHE A 414 1.19 1.00 23.32
N SER A 415 1.20 0.81 22.00
CA SER A 415 0.40 1.68 21.10
C SER A 415 -0.68 0.86 20.40
N PRO A 416 -1.67 0.30 21.12
CA PRO A 416 -2.75 -0.42 20.48
C PRO A 416 -3.53 0.48 19.50
N VAL A 417 -3.93 -0.12 18.38
CA VAL A 417 -4.77 0.51 17.32
C VAL A 417 -6.25 0.27 17.60
N ILE A 418 -7.05 1.33 17.49
CA ILE A 418 -8.52 1.33 17.61
C ILE A 418 -9.16 1.96 16.39
N PRO A 419 -10.48 1.72 16.21
CA PRO A 419 -11.25 2.36 15.15
C PRO A 419 -11.42 3.86 15.35
N ARG A 420 -11.79 4.54 14.25
CA ARG A 420 -12.26 5.94 14.27
C ARG A 420 -13.70 5.93 14.83
N ASP A 421 -13.81 5.66 16.13
CA ASP A 421 -15.12 5.53 16.82
C ASP A 421 -14.97 6.12 18.24
N GLY A 422 -15.63 7.24 18.53
CA GLY A 422 -15.60 7.86 19.87
C GLY A 422 -15.93 6.87 20.98
N ALA A 423 -16.90 5.98 20.78
CA ALA A 423 -17.30 4.97 21.79
C ALA A 423 -16.13 4.03 22.07
N GLU A 424 -15.28 3.71 21.09
CA GLU A 424 -14.09 2.87 21.33
C GLU A 424 -13.07 3.68 22.12
N VAL A 425 -12.90 4.95 21.79
CA VAL A 425 -11.91 5.85 22.47
C VAL A 425 -12.24 5.80 23.98
N LEU A 426 -13.52 5.93 24.36
CA LEU A 426 -13.99 5.84 25.76
C LEU A 426 -13.76 4.43 26.31
N LYS A 427 -14.10 3.40 25.54
CA LYS A 427 -14.03 2.02 26.06
C LYS A 427 -12.58 1.66 26.35
N ILE A 428 -11.61 2.10 25.53
CA ILE A 428 -10.17 1.75 25.75
C ILE A 428 -9.67 2.48 27.01
N ASN A 429 -10.10 3.73 27.23
CA ASN A 429 -9.78 4.51 28.45
C ASN A 429 -10.32 3.80 29.70
N GLU A 430 -11.63 3.53 29.75
CA GLU A 430 -12.27 2.81 30.87
C GLU A 430 -11.54 1.48 31.11
N VAL A 431 -11.25 0.70 30.07
CA VAL A 431 -10.72 -0.68 30.25
C VAL A 431 -9.23 -0.67 30.65
N LEU A 432 -8.36 0.05 29.93
CA LEU A 432 -6.90 -0.02 30.17
C LEU A 432 -6.52 1.00 31.27
N GLY A 433 -7.27 2.10 31.36
CA GLY A 433 -7.11 3.12 32.41
C GLY A 433 -7.71 2.67 33.73
N THR A 434 -7.84 1.36 33.92
CA THR A 434 -8.17 0.74 35.23
C THR A 434 -7.30 -0.48 35.45
N GLU A 435 -7.03 -1.27 34.43
CA GLU A 435 -6.11 -2.36 34.61
C GLU A 435 -4.79 -1.76 34.98
N ALA A 436 -4.55 -0.57 34.49
CA ALA A 436 -3.31 0.10 34.78
C ALA A 436 -3.37 0.75 36.13
N ARG A 437 -4.56 1.12 36.57
CA ARG A 437 -4.71 1.67 37.89
C ARG A 437 -4.67 0.59 38.95
N ARG A 438 -4.99 -0.65 38.60
CA ARG A 438 -5.05 -1.75 39.56
C ARG A 438 -3.65 -2.19 39.73
N LEU A 439 -2.88 -2.09 38.66
CA LEU A 439 -1.48 -2.38 38.76
C LEU A 439 -0.87 -1.03 39.12
N GLY A 440 0.44 -0.90 39.11
CA GLY A 440 0.97 0.36 39.56
C GLY A 440 1.47 1.28 38.47
N ILE A 441 0.93 1.19 37.27
CA ILE A 441 1.50 1.98 36.18
C ILE A 441 1.02 3.41 36.23
N PRO A 442 1.98 4.34 36.19
CA PRO A 442 1.63 5.75 36.34
C PRO A 442 0.91 6.39 35.17
N LEU A 443 -0.39 6.53 35.27
CA LEU A 443 -1.13 7.27 34.21
C LEU A 443 -1.35 8.70 34.70
N ILE A 444 -0.82 9.67 33.92
CA ILE A 444 -0.60 11.10 34.33
C ILE A 444 -1.92 11.86 34.26
N PHE A 445 -2.56 11.85 33.11
CA PHE A 445 -3.76 12.68 32.83
C PHE A 445 -4.98 11.83 33.14
N ALA A 446 -6.13 12.48 33.16
CA ALA A 446 -7.45 11.86 33.39
C ALA A 446 -7.75 10.85 32.28
N MET A 447 -7.04 10.98 31.15
CA MET A 447 -7.40 10.27 29.90
C MET A 447 -6.20 10.23 28.96
N ILE A 448 -6.06 9.14 28.22
CA ILE A 448 -5.17 9.04 27.04
C ILE A 448 -6.02 9.38 25.81
N VAL A 449 -5.68 10.48 25.12
CA VAL A 449 -6.47 10.96 23.95
C VAL A 449 -5.89 10.29 22.71
N PRO A 450 -6.75 9.79 21.81
CA PRO A 450 -6.31 8.92 20.73
C PRO A 450 -5.49 9.79 19.78
N VAL A 451 -4.50 9.19 19.15
CA VAL A 451 -3.59 9.87 18.18
C VAL A 451 -3.96 9.42 16.77
N PRO A 452 -4.37 10.34 15.87
CA PRO A 452 -4.67 9.99 14.47
C PRO A 452 -3.44 10.00 13.56
N SER A 453 -2.51 9.07 13.79
CA SER A 453 -1.23 8.98 13.06
C SER A 453 -1.55 8.81 11.56
N TRP A 454 -2.44 7.86 11.26
CA TRP A 454 -2.87 7.52 9.89
C TRP A 454 -4.36 7.67 9.78
N GLU A 455 -4.84 7.81 8.56
CA GLU A 455 -6.28 7.83 8.28
C GLU A 455 -6.87 6.49 8.76
N ARG A 456 -8.12 6.55 9.20
CA ARG A 456 -9.06 5.41 9.39
C ARG A 456 -8.72 4.62 10.66
N SER A 457 -7.73 5.04 11.44
CA SER A 457 -7.50 4.40 12.76
C SER A 457 -6.90 5.40 13.74
N PHE A 458 -6.89 5.03 15.01
CA PHE A 458 -6.17 5.75 16.10
C PHE A 458 -5.15 4.81 16.75
N THR A 459 -4.07 5.39 17.30
CA THR A 459 -3.14 4.73 18.26
C THR A 459 -3.43 5.31 19.65
N PHE A 460 -3.46 4.44 20.66
CA PHE A 460 -3.71 4.77 22.09
C PHE A 460 -2.39 4.49 22.80
N ILE A 461 -1.63 5.56 23.08
CA ILE A 461 -0.20 5.52 23.54
C ILE A 461 -0.10 5.47 25.08
N ILE A 462 0.34 4.32 25.63
CA ILE A 462 0.73 4.13 27.05
C ILE A 462 2.26 4.07 27.09
N PRO A 463 2.96 5.07 27.69
CA PRO A 463 4.42 5.03 27.76
C PRO A 463 4.94 4.09 28.87
N LEU A 464 5.98 3.32 28.57
CA LEU A 464 6.80 2.57 29.55
C LEU A 464 8.10 3.35 29.77
N PHE A 465 8.34 3.81 30.99
CA PHE A 465 9.54 4.59 31.38
C PHE A 465 10.59 3.62 31.95
N ILE A 466 11.72 3.51 31.26
CA ILE A 466 12.88 2.67 31.64
C ILE A 466 13.54 3.29 32.89
N SER A 467 13.78 2.46 33.90
CA SER A 467 14.25 2.84 35.25
C SER A 467 15.72 2.44 35.39
N GLU A 468 16.44 3.09 36.30
CA GLU A 468 17.77 2.61 36.77
C GLU A 468 17.62 1.35 37.64
N ASP A 469 16.41 1.05 38.13
CA ASP A 469 16.09 -0.09 39.05
C ASP A 469 15.66 -1.27 38.20
N PRO A 470 16.55 -2.27 37.97
CA PRO A 470 16.19 -3.46 37.20
C PRO A 470 14.90 -4.15 37.67
N ALA A 471 14.68 -4.27 38.99
CA ALA A 471 13.43 -4.84 39.56
C ALA A 471 12.21 -4.08 39.03
N GLN A 472 12.29 -2.76 38.88
CA GLN A 472 11.15 -1.91 38.43
C GLN A 472 10.91 -2.11 36.92
N ASN A 473 11.98 -2.38 36.16
CA ASN A 473 11.94 -2.74 34.72
C ASN A 473 11.31 -4.13 34.52
N LYS A 474 11.54 -5.09 35.43
CA LYS A 474 10.90 -6.42 35.39
C LYS A 474 9.40 -6.28 35.68
N ARG A 475 9.04 -5.46 36.68
CA ARG A 475 7.62 -5.16 37.03
C ARG A 475 6.93 -4.56 35.81
N SER A 476 7.53 -3.54 35.23
CA SER A 476 7.09 -2.85 33.99
C SER A 476 6.83 -3.86 32.88
N ARG A 477 7.72 -4.83 32.67
CA ARG A 477 7.59 -5.83 31.58
C ARG A 477 6.34 -6.68 31.84
N GLU A 478 6.21 -7.21 33.06
CA GLU A 478 5.11 -8.08 33.51
C GLU A 478 3.77 -7.35 33.31
N VAL A 479 3.69 -6.10 33.75
CA VAL A 479 2.50 -5.19 33.65
C VAL A 479 2.11 -5.02 32.17
N PHE A 480 3.05 -4.65 31.32
CA PHE A 480 2.81 -4.32 29.89
C PHE A 480 2.36 -5.60 29.18
N ARG A 481 2.98 -6.74 29.47
CA ARG A 481 2.56 -8.08 28.98
C ARG A 481 1.09 -8.33 29.39
N HIS A 482 0.66 -7.89 30.58
CA HIS A 482 -0.75 -8.00 31.04
C HIS A 482 -1.61 -7.10 30.16
N LEU A 483 -1.25 -5.80 30.06
CA LEU A 483 -2.01 -4.81 29.26
C LEU A 483 -2.15 -5.31 27.82
N ILE A 484 -1.14 -5.96 27.27
CA ILE A 484 -1.21 -6.48 25.88
C ILE A 484 -2.33 -7.52 25.81
N LYS A 485 -2.46 -8.37 26.85
CA LYS A 485 -3.44 -9.50 26.86
C LYS A 485 -4.86 -8.94 27.03
N VAL A 486 -5.04 -7.96 27.92
CA VAL A 486 -6.35 -7.27 28.18
C VAL A 486 -6.80 -6.54 26.91
N ALA A 487 -5.88 -5.84 26.24
CA ALA A 487 -6.21 -5.12 24.99
C ALA A 487 -6.62 -6.15 23.95
N ALA A 488 -5.88 -7.24 23.80
CA ALA A 488 -6.18 -8.32 22.84
C ALA A 488 -7.60 -8.83 23.08
N ASP A 489 -7.98 -8.98 24.34
CA ASP A 489 -9.30 -9.56 24.68
C ASP A 489 -10.41 -8.57 24.31
N ASN A 490 -10.05 -7.31 24.10
CA ASN A 490 -11.01 -6.28 23.61
C ASN A 490 -10.79 -5.94 22.11
N GLY A 491 -9.98 -6.71 21.38
CA GLY A 491 -9.82 -6.54 19.93
C GLY A 491 -8.96 -5.33 19.56
N TRP A 492 -8.10 -4.88 20.48
CA TRP A 492 -7.12 -3.79 20.26
C TRP A 492 -5.72 -4.38 20.17
N GLY A 493 -5.14 -4.34 18.96
CA GLY A 493 -3.84 -4.92 18.62
C GLY A 493 -2.77 -3.84 18.50
N GLU A 494 -1.55 -4.20 18.90
CA GLU A 494 -0.32 -3.37 18.75
C GLU A 494 0.18 -3.55 17.31
N TYR A 495 0.75 -2.50 16.73
CA TYR A 495 1.17 -2.42 15.31
C TYR A 495 2.70 -2.40 15.20
N ARG A 496 3.38 -2.17 16.31
CA ARG A 496 4.86 -2.09 16.35
C ARG A 496 5.28 -2.21 17.81
N THR A 497 6.40 -2.87 18.08
CA THR A 497 6.91 -2.98 19.48
C THR A 497 8.38 -3.35 19.51
N ALA A 498 8.96 -3.18 20.71
CA ALA A 498 10.37 -3.54 21.03
C ALA A 498 10.52 -5.05 21.06
N PRO A 499 11.74 -5.56 20.80
CA PRO A 499 12.04 -6.99 20.94
C PRO A 499 11.52 -7.62 22.25
N THR A 500 11.53 -6.87 23.36
CA THR A 500 11.05 -7.32 24.70
C THR A 500 9.62 -7.88 24.57
N PHE A 501 8.78 -7.25 23.74
CA PHE A 501 7.33 -7.56 23.65
C PHE A 501 6.93 -8.18 22.30
N GLN A 502 7.86 -8.41 21.38
CA GLN A 502 7.50 -8.86 19.99
C GLN A 502 6.79 -10.22 20.05
N ALA A 503 7.34 -11.21 20.73
CA ALA A 503 6.71 -12.56 20.82
C ALA A 503 5.37 -12.42 21.56
N ASP A 504 5.30 -11.55 22.57
CA ASP A 504 4.08 -11.32 23.38
C ASP A 504 2.98 -10.79 22.46
N VAL A 505 3.29 -9.82 21.61
CA VAL A 505 2.25 -9.23 20.71
C VAL A 505 1.90 -10.26 19.62
N MET A 506 2.89 -10.92 19.00
CA MET A 506 2.60 -11.91 17.92
C MET A 506 1.62 -12.97 18.47
N ASP A 507 1.73 -13.31 19.76
CA ASP A 507 0.85 -14.34 20.40
C ASP A 507 -0.61 -13.91 20.39
N THR A 508 -0.89 -12.61 20.38
CA THR A 508 -2.26 -12.12 20.43
C THR A 508 -2.94 -12.31 19.06
N TYR A 509 -2.16 -12.47 17.99
CA TYR A 509 -2.69 -12.56 16.60
C TYR A 509 -2.91 -14.04 16.28
N SER A 510 -3.78 -14.68 17.07
CA SER A 510 -3.83 -16.17 17.24
C SER A 510 -4.94 -16.81 16.41
N PHE A 511 -5.71 -16.04 15.62
CA PHE A 511 -6.82 -16.57 14.79
C PHE A 511 -6.41 -17.87 14.11
N GLY A 512 -7.30 -18.89 14.12
CA GLY A 512 -7.02 -20.14 13.39
C GLY A 512 -5.84 -20.91 13.97
N ASP A 513 -5.75 -21.02 15.29
CA ASP A 513 -4.63 -21.66 16.02
C ASP A 513 -3.31 -21.09 15.51
N HIS A 514 -3.16 -19.77 15.57
CA HIS A 514 -1.90 -19.07 15.27
C HIS A 514 -1.53 -19.30 13.80
N ALA A 515 -2.50 -19.29 12.89
CA ALA A 515 -2.24 -19.50 11.44
C ALA A 515 -1.24 -18.45 10.93
N LEU A 516 -1.34 -17.21 11.41
CA LEU A 516 -0.49 -16.11 10.85
C LEU A 516 0.97 -16.44 11.14
N LEU A 517 1.31 -16.72 12.41
CA LEU A 517 2.71 -17.03 12.76
C LEU A 517 3.17 -18.32 12.07
N ARG A 518 2.36 -19.37 12.01
CA ARG A 518 2.75 -20.64 11.34
C ARG A 518 2.95 -20.37 9.83
N PHE A 519 2.19 -19.45 9.25
CA PHE A 519 2.39 -19.02 7.83
C PHE A 519 3.73 -18.31 7.70
N HIS A 520 4.00 -17.31 8.55
CA HIS A 520 5.30 -16.58 8.51
C HIS A 520 6.46 -17.55 8.67
N GLU A 521 6.33 -18.51 9.60
CA GLU A 521 7.38 -19.55 9.85
C GLU A 521 7.60 -20.37 8.57
N SER A 522 6.55 -20.68 7.80
CA SER A 522 6.72 -21.43 6.51
C SER A 522 7.53 -20.59 5.54
N ILE A 523 7.24 -19.28 5.44
CA ILE A 523 7.98 -18.40 4.51
C ILE A 523 9.41 -18.30 5.02
N LYS A 524 9.58 -18.07 6.32
CA LYS A 524 10.92 -18.00 7.00
C LYS A 524 11.79 -19.19 6.55
N ASP A 525 11.26 -20.40 6.59
CA ASP A 525 12.00 -21.66 6.28
C ASP A 525 12.29 -21.74 4.79
N ALA A 526 11.43 -21.20 3.91
CA ALA A 526 11.70 -21.24 2.45
C ALA A 526 12.74 -20.18 2.09
N VAL A 527 12.69 -19.00 2.71
CA VAL A 527 13.59 -17.90 2.22
C VAL A 527 14.91 -17.99 2.99
N ASP A 528 14.91 -18.54 4.21
CA ASP A 528 16.12 -18.59 5.08
C ASP A 528 16.26 -19.97 5.73
N PRO A 529 16.50 -21.05 4.94
CA PRO A 529 16.46 -22.41 5.48
C PRO A 529 17.51 -22.66 6.58
N LYS A 530 18.68 -22.00 6.52
CA LYS A 530 19.71 -22.10 7.61
C LYS A 530 19.38 -21.13 8.73
N GLY A 531 18.42 -20.21 8.54
CA GLY A 531 17.90 -19.40 9.65
C GLY A 531 18.91 -18.37 10.19
N ILE A 532 19.66 -17.69 9.33
CA ILE A 532 20.71 -16.72 9.77
C ILE A 532 20.17 -15.28 9.95
N LEU A 533 19.05 -14.89 9.31
CA LEU A 533 18.59 -13.46 9.37
C LEU A 533 17.78 -13.18 10.62
N SER A 534 18.30 -12.26 11.45
CA SER A 534 17.60 -11.62 12.59
C SER A 534 16.65 -12.61 13.29
N PRO A 535 17.19 -13.70 13.88
CA PRO A 535 16.36 -14.68 14.57
C PRO A 535 15.51 -14.02 15.67
N GLY A 536 14.21 -14.34 15.73
CA GLY A 536 13.27 -13.86 16.75
C GLY A 536 12.52 -12.59 16.39
N ARG A 537 12.94 -11.87 15.34
CA ARG A 537 12.35 -10.54 15.01
C ARG A 537 10.87 -10.75 14.73
N TYR A 538 10.05 -9.97 15.42
CA TYR A 538 8.57 -10.01 15.36
C TYR A 538 8.10 -11.44 15.62
N GLY A 539 8.82 -12.13 16.51
CA GLY A 539 8.38 -13.44 17.01
C GLY A 539 8.61 -14.57 16.05
N ILE A 540 9.37 -14.32 14.98
CA ILE A 540 9.64 -15.30 13.90
C ILE A 540 11.02 -15.93 14.12
N TRP A 541 10.98 -17.19 14.54
CA TRP A 541 12.18 -18.00 14.82
C TRP A 541 12.36 -18.98 13.69
N PRO A 542 13.61 -19.18 13.21
CA PRO A 542 13.85 -20.18 12.18
C PRO A 542 13.63 -21.59 12.77
N LYS A 543 13.42 -22.58 11.90
CA LYS A 543 13.05 -23.96 12.30
C LYS A 543 14.01 -24.47 13.41
N HIS A 544 15.31 -24.28 13.25
CA HIS A 544 16.32 -24.86 14.19
C HIS A 544 16.20 -24.27 15.60
N LEU A 545 15.65 -23.05 15.78
CA LEU A 545 15.53 -22.39 17.11
C LEU A 545 14.07 -22.38 17.60
N ARG A 546 13.13 -22.95 16.86
CA ARG A 546 11.67 -22.63 17.04
C ARG A 546 11.14 -23.23 18.35
N ASP A 547 11.54 -24.46 18.72
CA ASP A 547 10.97 -25.16 19.91
C ASP A 547 11.50 -24.49 21.18
N LYS A 548 12.82 -24.31 21.27
CA LYS A 548 13.50 -23.61 22.39
C LYS A 548 12.89 -22.22 22.61
N HIS A 549 12.58 -21.47 21.55
CA HIS A 549 12.11 -20.06 21.68
C HIS A 549 10.59 -19.96 21.54
N ARG A 550 9.89 -21.10 21.39
CA ARG A 550 8.40 -21.12 21.38
C ARG A 550 7.92 -20.18 22.49
N TYR A 551 7.03 -19.25 22.17
CA TYR A 551 6.49 -18.26 23.13
C TYR A 551 5.86 -19.01 24.32
N LYS A 552 5.81 -18.40 25.51
CA LYS A 552 5.09 -18.91 26.73
C LYS A 552 4.21 -17.81 27.32
N MET B 1 -12.21 -34.33 -19.99
CA MET B 1 -10.76 -34.06 -19.83
C MET B 1 -10.33 -34.46 -18.40
N LEU B 2 -9.04 -34.79 -18.23
CA LEU B 2 -8.43 -35.11 -16.90
C LEU B 2 -7.30 -34.10 -16.65
N PRO B 3 -7.03 -33.77 -15.37
CA PRO B 3 -5.79 -33.09 -15.01
C PRO B 3 -4.63 -34.00 -15.39
N PRO B 4 -3.57 -33.47 -16.05
CA PRO B 4 -2.43 -34.29 -16.44
C PRO B 4 -1.85 -35.01 -15.22
N GLY B 5 -1.48 -36.28 -15.40
CA GLY B 5 -0.92 -37.11 -14.32
C GLY B 5 -1.98 -37.55 -13.33
N ILE B 6 -3.23 -37.11 -13.47
CA ILE B 6 -4.32 -37.59 -12.55
C ILE B 6 -5.11 -38.66 -13.32
N ASP B 7 -5.03 -39.92 -12.87
CA ASP B 7 -5.82 -41.04 -13.46
C ASP B 7 -7.31 -40.76 -13.23
N SER B 8 -8.13 -41.37 -14.08
CA SER B 8 -9.60 -41.16 -14.14
C SER B 8 -10.22 -41.59 -12.81
N ALA B 9 -9.72 -42.64 -12.17
CA ALA B 9 -10.33 -43.21 -10.94
C ALA B 9 -10.17 -42.20 -9.80
N THR B 10 -8.95 -41.67 -9.62
CA THR B 10 -8.58 -40.63 -8.61
C THR B 10 -9.47 -39.39 -8.83
N PHE B 11 -9.56 -38.93 -10.07
CA PHE B 11 -10.39 -37.75 -10.41
C PHE B 11 -11.84 -38.01 -9.99
N GLN B 12 -12.41 -39.19 -10.30
CA GLN B 12 -13.83 -39.48 -9.99
C GLN B 12 -14.03 -39.49 -8.47
N LYS B 13 -13.06 -39.99 -7.70
CA LYS B 13 -13.14 -40.01 -6.21
C LYS B 13 -13.09 -38.58 -5.71
N ALA B 14 -12.13 -37.79 -6.22
CA ALA B 14 -12.05 -36.34 -5.89
C ALA B 14 -13.43 -35.71 -6.11
N LEU B 15 -14.04 -35.93 -7.28
CA LEU B 15 -15.32 -35.25 -7.65
C LEU B 15 -16.43 -35.68 -6.71
N SER B 16 -16.49 -36.97 -6.33
CA SER B 16 -17.54 -37.51 -5.43
C SER B 16 -17.42 -36.84 -4.06
N ALA B 17 -16.18 -36.72 -3.57
CA ALA B 17 -15.85 -36.03 -2.29
C ALA B 17 -16.24 -34.54 -2.36
N PHE B 18 -15.98 -33.82 -3.46
CA PHE B 18 -16.47 -32.42 -3.66
C PHE B 18 -18.00 -32.37 -3.56
N ALA B 19 -18.69 -33.25 -4.31
CA ALA B 19 -20.18 -33.32 -4.35
C ALA B 19 -20.72 -33.58 -2.94
N ASN B 20 -20.03 -34.42 -2.18
CA ASN B 20 -20.38 -34.69 -0.76
C ASN B 20 -20.30 -33.40 0.06
N VAL B 21 -19.42 -32.44 -0.30
CA VAL B 21 -19.25 -31.13 0.42
C VAL B 21 -20.31 -30.14 -0.08
N VAL B 22 -20.45 -29.96 -1.40
CA VAL B 22 -21.25 -28.82 -1.97
C VAL B 22 -22.59 -29.28 -2.52
N GLY B 23 -22.79 -30.58 -2.76
CA GLY B 23 -23.97 -31.14 -3.45
C GLY B 23 -23.66 -31.43 -4.90
N LYS B 24 -24.21 -32.51 -5.46
CA LYS B 24 -23.86 -32.98 -6.83
C LYS B 24 -24.26 -31.91 -7.85
N GLU B 25 -25.28 -31.11 -7.54
CA GLU B 25 -25.82 -30.07 -8.46
C GLU B 25 -24.87 -28.86 -8.51
N TRP B 26 -23.81 -28.84 -7.68
CA TRP B 26 -22.80 -27.75 -7.68
C TRP B 26 -21.43 -28.30 -8.09
N VAL B 27 -21.36 -29.51 -8.65
CA VAL B 27 -20.13 -30.06 -9.29
C VAL B 27 -20.43 -30.26 -10.78
N PHE B 28 -19.71 -29.57 -11.66
CA PHE B 28 -20.00 -29.47 -13.11
C PHE B 28 -18.92 -30.26 -13.85
N THR B 29 -19.33 -31.21 -14.71
CA THR B 29 -18.42 -32.15 -15.40
C THR B 29 -18.78 -32.29 -16.88
N SER B 30 -19.98 -31.89 -17.29
CA SER B 30 -20.43 -32.08 -18.69
C SER B 30 -19.67 -31.13 -19.60
N ASP B 31 -19.46 -31.53 -20.85
CA ASP B 31 -18.82 -30.70 -21.89
C ASP B 31 -19.65 -29.42 -22.06
N GLU B 32 -20.98 -29.54 -22.05
CA GLU B 32 -21.93 -28.41 -22.14
C GLU B 32 -21.68 -27.44 -20.97
N ASP B 33 -21.74 -27.91 -19.73
CA ASP B 33 -21.56 -27.07 -18.51
C ASP B 33 -20.17 -26.41 -18.50
N LEU B 34 -19.12 -27.15 -18.85
CA LEU B 34 -17.71 -26.65 -18.83
C LEU B 34 -17.41 -25.66 -19.96
N LYS B 35 -18.27 -25.56 -20.97
CA LYS B 35 -18.02 -24.61 -22.10
C LYS B 35 -18.12 -23.18 -21.56
N LEU B 36 -18.86 -23.00 -20.46
CA LEU B 36 -19.13 -21.69 -19.83
C LEU B 36 -17.89 -21.24 -19.05
N TYR B 37 -16.90 -22.12 -18.87
CA TYR B 37 -15.61 -21.83 -18.20
C TYR B 37 -14.50 -21.66 -19.23
N ARG B 38 -14.82 -21.64 -20.53
CA ARG B 38 -13.83 -21.33 -21.58
C ARG B 38 -13.63 -19.81 -21.60
N ASP B 39 -12.42 -19.37 -21.87
CA ASP B 39 -12.09 -17.95 -22.08
C ASP B 39 -12.77 -17.49 -23.38
N ALA B 40 -13.78 -16.62 -23.27
CA ALA B 40 -14.57 -16.11 -24.42
C ALA B 40 -13.65 -15.33 -25.34
N TYR B 41 -12.53 -14.80 -24.83
CA TYR B 41 -11.56 -14.03 -25.65
C TYR B 41 -10.21 -14.75 -25.72
N SER B 42 -10.22 -16.08 -25.75
CA SER B 42 -9.00 -16.92 -25.77
C SER B 42 -8.17 -16.56 -27.00
N PRO B 43 -6.91 -16.11 -26.86
CA PRO B 43 -6.04 -15.98 -28.02
C PRO B 43 -5.65 -17.34 -28.65
N TYR B 44 -5.98 -18.45 -27.97
CA TYR B 44 -5.74 -19.84 -28.45
C TYR B 44 -7.08 -20.48 -28.84
N MET B 45 -8.08 -19.68 -29.19
CA MET B 45 -9.48 -20.17 -29.37
C MET B 45 -9.43 -21.33 -30.38
N GLY B 46 -9.90 -22.50 -29.96
CA GLY B 46 -10.08 -23.67 -30.84
C GLY B 46 -8.77 -24.40 -31.08
N GLU B 47 -7.65 -23.93 -30.54
CA GLU B 47 -6.32 -24.55 -30.73
C GLU B 47 -6.01 -25.52 -29.57
N ALA B 48 -4.95 -26.32 -29.74
CA ALA B 48 -4.54 -27.39 -28.81
C ALA B 48 -4.22 -26.79 -27.43
N GLU B 49 -3.61 -25.61 -27.43
CA GLU B 49 -3.06 -24.92 -26.22
C GLU B 49 -4.16 -24.10 -25.53
N GLU B 50 -5.40 -24.13 -26.04
CA GLU B 50 -6.53 -23.43 -25.37
C GLU B 50 -6.64 -23.92 -23.93
N ARG B 51 -6.86 -23.01 -22.97
CA ARG B 51 -6.95 -23.37 -21.53
C ARG B 51 -8.35 -23.87 -21.24
N LEU B 52 -8.50 -25.11 -20.79
CA LEU B 52 -9.81 -25.76 -20.56
C LEU B 52 -9.86 -26.29 -19.14
N ALA B 53 -11.05 -26.31 -18.54
CA ALA B 53 -11.31 -26.88 -17.20
C ALA B 53 -11.62 -28.38 -17.35
N SER B 54 -11.18 -29.19 -16.38
CA SER B 54 -11.56 -30.61 -16.22
C SER B 54 -12.94 -30.70 -15.56
N ALA B 55 -13.31 -29.70 -14.75
CA ALA B 55 -14.53 -29.67 -13.92
C ALA B 55 -14.65 -28.31 -13.25
N ALA B 56 -15.77 -28.06 -12.57
CA ALA B 56 -15.97 -26.84 -11.74
C ALA B 56 -16.75 -27.22 -10.48
N VAL B 57 -16.46 -26.52 -9.39
CA VAL B 57 -17.13 -26.74 -8.08
C VAL B 57 -17.48 -25.34 -7.55
N ALA B 58 -18.72 -25.17 -7.07
CA ALA B 58 -19.30 -23.86 -6.69
C ALA B 58 -19.77 -23.94 -5.23
N PRO B 59 -18.89 -23.67 -4.25
CA PRO B 59 -19.25 -23.75 -2.85
C PRO B 59 -20.11 -22.59 -2.39
N ASP B 60 -20.82 -22.80 -1.29
CA ASP B 60 -21.75 -21.81 -0.71
C ASP B 60 -21.05 -21.03 0.43
N THR B 61 -20.05 -21.61 1.08
CA THR B 61 -19.43 -21.04 2.30
C THR B 61 -17.90 -21.20 2.29
N SER B 62 -17.22 -20.36 3.09
CA SER B 62 -15.75 -20.46 3.31
C SER B 62 -15.41 -21.82 3.93
N GLU B 63 -16.28 -22.34 4.79
CA GLU B 63 -16.14 -23.68 5.42
C GLU B 63 -16.12 -24.76 4.34
N GLN B 64 -16.98 -24.66 3.33
CA GLN B 64 -16.98 -25.60 2.17
C GLN B 64 -15.70 -25.41 1.38
N VAL B 65 -15.29 -24.17 1.16
CA VAL B 65 -13.98 -23.89 0.50
C VAL B 65 -12.87 -24.65 1.22
N GLN B 66 -12.80 -24.55 2.56
CA GLN B 66 -11.77 -25.28 3.36
C GLN B 66 -11.80 -26.78 3.06
N GLU B 67 -12.99 -27.37 3.00
CA GLU B 67 -13.14 -28.83 2.78
C GLU B 67 -12.74 -29.19 1.34
N ILE B 68 -13.01 -28.33 0.36
CA ILE B 68 -12.65 -28.58 -1.07
C ILE B 68 -11.14 -28.55 -1.19
N ALA B 69 -10.48 -27.61 -0.52
CA ALA B 69 -9.00 -27.47 -0.51
C ALA B 69 -8.40 -28.74 0.12
N ARG B 70 -8.89 -29.14 1.28
CA ARG B 70 -8.46 -30.40 1.97
C ARG B 70 -8.48 -31.57 0.97
N ILE B 71 -9.57 -31.72 0.23
CA ILE B 71 -9.81 -32.87 -0.68
C ILE B 71 -8.87 -32.74 -1.88
N ALA B 72 -8.83 -31.58 -2.52
CA ALA B 72 -7.90 -31.31 -3.65
C ALA B 72 -6.47 -31.62 -3.22
N ASN B 73 -6.07 -31.15 -2.03
CA ASN B 73 -4.70 -31.35 -1.51
C ASN B 73 -4.43 -32.86 -1.44
N GLN B 74 -5.32 -33.63 -0.83
CA GLN B 74 -5.15 -35.10 -0.61
C GLN B 74 -4.96 -35.81 -1.95
N TYR B 75 -5.80 -35.48 -2.95
CA TYR B 75 -5.82 -36.16 -4.27
C TYR B 75 -4.90 -35.45 -5.27
N SER B 76 -4.22 -34.37 -4.86
CA SER B 76 -3.37 -33.53 -5.74
C SER B 76 -4.14 -33.02 -6.98
N ILE B 77 -5.41 -32.65 -6.80
CA ILE B 77 -6.25 -32.02 -7.87
C ILE B 77 -5.89 -30.53 -8.05
N PRO B 78 -5.44 -30.08 -9.24
CA PRO B 78 -5.23 -28.65 -9.46
C PRO B 78 -6.56 -27.89 -9.43
N LEU B 79 -6.60 -26.81 -8.64
CA LEU B 79 -7.77 -25.92 -8.39
C LEU B 79 -7.46 -24.53 -8.92
N TYR B 80 -8.36 -23.95 -9.69
CA TYR B 80 -8.23 -22.55 -10.19
C TYR B 80 -9.37 -21.72 -9.63
N THR B 81 -9.09 -20.90 -8.63
CA THR B 81 -10.10 -20.06 -7.94
C THR B 81 -10.48 -18.86 -8.81
N ILE B 82 -11.79 -18.67 -9.05
CA ILE B 82 -12.36 -17.40 -9.59
C ILE B 82 -13.40 -16.88 -8.61
N SER B 83 -13.69 -15.58 -8.66
CA SER B 83 -14.72 -14.91 -7.83
C SER B 83 -16.02 -14.82 -8.64
N THR B 84 -16.02 -14.07 -9.73
CA THR B 84 -17.19 -14.02 -10.67
C THR B 84 -16.76 -14.46 -12.08
N GLY B 85 -15.47 -14.59 -12.36
CA GLY B 85 -15.00 -15.21 -13.61
C GLY B 85 -15.17 -14.32 -14.83
N LYS B 86 -15.29 -12.99 -14.65
CA LYS B 86 -15.57 -12.05 -15.77
C LYS B 86 -14.28 -11.38 -16.24
N ASN B 87 -13.14 -12.07 -16.18
CA ASN B 87 -11.82 -11.44 -16.40
C ASN B 87 -11.55 -11.39 -17.91
N LEU B 88 -12.53 -10.92 -18.70
CA LEU B 88 -12.38 -10.79 -20.17
C LEU B 88 -11.21 -9.86 -20.48
N GLY B 89 -10.37 -10.25 -21.43
CA GLY B 89 -9.15 -9.54 -21.80
C GLY B 89 -7.95 -10.10 -21.07
N TYR B 90 -8.17 -10.82 -19.97
CA TYR B 90 -7.07 -11.29 -19.10
C TYR B 90 -7.22 -12.76 -18.76
N GLY B 91 -8.04 -13.51 -19.50
CA GLY B 91 -8.15 -14.96 -19.29
C GLY B 91 -9.57 -15.45 -19.08
N GLY B 92 -10.54 -14.55 -18.94
CA GLY B 92 -11.94 -14.94 -18.79
C GLY B 92 -12.10 -15.81 -17.58
N SER B 93 -12.97 -16.83 -17.66
CA SER B 93 -13.26 -17.80 -16.57
C SER B 93 -12.35 -19.03 -16.66
N ALA B 94 -11.39 -19.07 -17.57
CA ALA B 94 -10.58 -20.29 -17.83
C ALA B 94 -9.33 -20.34 -16.93
N PRO B 95 -8.88 -21.56 -16.59
CA PRO B 95 -7.66 -21.73 -15.80
C PRO B 95 -6.39 -21.37 -16.58
N THR B 96 -5.27 -21.20 -15.88
CA THR B 96 -3.93 -20.93 -16.46
C THR B 96 -3.31 -22.27 -16.90
N TYR B 97 -3.79 -23.36 -16.34
CA TYR B 97 -3.27 -24.75 -16.57
C TYR B 97 -4.46 -25.64 -16.97
N SER B 98 -4.43 -26.04 -18.24
CA SER B 98 -5.53 -26.81 -18.88
C SER B 98 -5.66 -28.12 -18.10
N GLY B 99 -6.87 -28.45 -17.65
CA GLY B 99 -7.16 -29.61 -16.82
C GLY B 99 -7.43 -29.26 -15.37
N SER B 100 -7.17 -28.00 -14.95
CA SER B 100 -7.48 -27.56 -13.57
C SER B 100 -8.99 -27.62 -13.38
N VAL B 101 -9.39 -27.96 -12.16
CA VAL B 101 -10.77 -27.77 -11.68
C VAL B 101 -10.98 -26.29 -11.30
N VAL B 102 -12.01 -25.65 -11.85
CA VAL B 102 -12.33 -24.24 -11.47
C VAL B 102 -13.05 -24.30 -10.14
N LEU B 103 -12.53 -23.58 -9.13
CA LEU B 103 -13.27 -23.31 -7.88
C LEU B 103 -13.98 -21.96 -8.08
N ASP B 104 -15.28 -22.03 -8.32
CA ASP B 104 -16.15 -20.88 -8.69
C ASP B 104 -16.83 -20.39 -7.41
N LEU B 105 -16.44 -19.20 -6.93
CA LEU B 105 -16.93 -18.66 -5.63
C LEU B 105 -18.13 -17.73 -5.83
N LYS B 106 -18.80 -17.77 -6.98
CA LYS B 106 -19.86 -16.80 -7.33
C LYS B 106 -21.04 -16.94 -6.35
N ARG B 107 -21.22 -18.09 -5.69
CA ARG B 107 -22.36 -18.24 -4.72
C ARG B 107 -22.01 -17.55 -3.40
N MET B 108 -20.72 -17.36 -3.08
CA MET B 108 -20.34 -16.68 -1.81
C MET B 108 -20.45 -15.18 -2.02
N ASN B 109 -21.69 -14.66 -2.02
CA ASN B 109 -21.99 -13.27 -2.42
C ASN B 109 -22.55 -12.48 -1.23
N ARG B 110 -22.08 -12.74 -0.02
CA ARG B 110 -22.55 -12.05 1.21
C ARG B 110 -21.76 -10.75 1.40
N ILE B 111 -22.49 -9.67 1.66
CA ILE B 111 -22.01 -8.36 2.19
C ILE B 111 -21.93 -8.51 3.71
N ILE B 112 -20.71 -8.72 4.19
CA ILE B 112 -20.40 -9.08 5.61
C ILE B 112 -20.57 -7.83 6.47
N GLU B 113 -20.11 -6.65 6.02
CA GLU B 113 -20.24 -5.38 6.78
C GLU B 113 -20.17 -4.21 5.83
N VAL B 114 -21.02 -3.22 6.07
CA VAL B 114 -20.90 -1.84 5.52
C VAL B 114 -20.96 -0.83 6.67
N ASN B 115 -19.92 -0.02 6.82
CA ASN B 115 -19.87 1.01 7.89
C ASN B 115 -19.90 2.39 7.22
N GLU B 116 -21.00 3.12 7.35
CA GLU B 116 -21.21 4.47 6.73
C GLU B 116 -20.26 5.50 7.33
N LYS B 117 -20.18 5.57 8.66
CA LYS B 117 -19.39 6.65 9.33
C LYS B 117 -17.89 6.45 9.06
N GLN B 118 -17.42 5.20 9.01
CA GLN B 118 -15.97 4.90 8.78
C GLN B 118 -15.69 4.49 7.33
N ALA B 119 -16.69 4.51 6.44
CA ALA B 119 -16.50 4.43 4.98
C ALA B 119 -15.71 3.16 4.60
N TYR B 120 -16.21 2.01 4.98
CA TYR B 120 -15.61 0.72 4.58
C TYR B 120 -16.67 -0.36 4.44
N CYS B 121 -16.29 -1.44 3.76
CA CYS B 121 -17.10 -2.67 3.68
C CYS B 121 -16.19 -3.88 3.81
N ILE B 122 -16.79 -5.02 4.11
CA ILE B 122 -16.14 -6.35 4.03
C ILE B 122 -17.06 -7.22 3.18
N VAL B 123 -16.52 -7.84 2.14
CA VAL B 123 -17.34 -8.57 1.13
C VAL B 123 -16.75 -9.95 0.89
N GLU B 124 -17.62 -10.88 0.52
CA GLU B 124 -17.24 -12.19 -0.04
C GLU B 124 -16.93 -12.02 -1.54
N PRO B 125 -16.26 -13.00 -2.17
CA PRO B 125 -15.80 -12.87 -3.56
C PRO B 125 -16.93 -12.80 -4.60
N GLY B 126 -18.11 -13.35 -4.29
CA GLY B 126 -19.25 -13.35 -5.22
C GLY B 126 -19.97 -12.00 -5.28
N VAL B 127 -19.62 -11.05 -4.41
CA VAL B 127 -20.28 -9.72 -4.42
C VAL B 127 -19.75 -8.97 -5.64
N SER B 128 -20.61 -8.79 -6.63
CA SER B 128 -20.32 -8.03 -7.86
C SER B 128 -20.43 -6.54 -7.54
N TYR B 129 -19.80 -5.72 -8.38
CA TYR B 129 -19.97 -4.25 -8.34
C TYR B 129 -21.46 -3.88 -8.49
N PHE B 130 -22.21 -4.59 -9.34
CA PHE B 130 -23.67 -4.31 -9.53
C PHE B 130 -24.43 -4.61 -8.23
N ASP B 131 -24.13 -5.73 -7.58
CA ASP B 131 -24.74 -6.12 -6.29
C ASP B 131 -24.44 -5.04 -5.23
N MET B 132 -23.18 -4.63 -5.12
CA MET B 132 -22.76 -3.70 -4.04
C MET B 132 -23.35 -2.32 -4.32
N TYR B 133 -23.37 -1.88 -5.58
CA TYR B 133 -23.94 -0.56 -5.97
C TYR B 133 -25.44 -0.52 -5.62
N ARG B 134 -26.18 -1.56 -5.98
CA ARG B 134 -27.62 -1.66 -5.67
C ARG B 134 -27.83 -1.61 -4.15
N TYR B 135 -27.01 -2.33 -3.38
CA TYR B 135 -27.10 -2.41 -1.91
C TYR B 135 -26.93 -1.00 -1.33
N LEU B 136 -25.90 -0.28 -1.78
CA LEU B 136 -25.52 1.04 -1.20
C LEU B 136 -26.59 2.06 -1.59
N GLN B 137 -27.12 1.98 -2.81
CA GLN B 137 -28.07 3.00 -3.34
C GLN B 137 -29.43 2.79 -2.67
N GLU B 138 -29.85 1.54 -2.48
CA GLU B 138 -31.10 1.17 -1.78
C GLU B 138 -31.03 1.60 -0.31
N LYS B 139 -29.84 1.69 0.28
CA LYS B 139 -29.65 2.11 1.69
C LYS B 139 -29.46 3.62 1.76
N LYS B 140 -29.52 4.32 0.62
CA LYS B 140 -29.21 5.77 0.47
C LYS B 140 -27.85 6.03 1.11
N SER B 141 -26.93 5.08 0.96
CA SER B 141 -25.55 5.17 1.45
C SER B 141 -24.92 6.42 0.85
N LYS B 142 -24.03 7.05 1.59
CA LYS B 142 -23.20 8.17 1.09
C LYS B 142 -21.77 7.64 0.92
N LEU B 143 -21.66 6.39 0.47
CA LEU B 143 -20.38 5.75 0.10
C LEU B 143 -20.43 5.41 -1.38
N TRP B 144 -19.29 5.63 -2.04
CA TRP B 144 -19.04 5.28 -3.44
C TRP B 144 -18.17 4.03 -3.52
N LEU B 145 -18.40 3.31 -4.61
CA LEU B 145 -17.51 2.28 -5.19
C LEU B 145 -16.54 2.91 -6.18
N ASP B 146 -15.43 2.21 -6.39
CA ASP B 146 -14.53 2.39 -7.55
C ASP B 146 -14.66 1.16 -8.45
N VAL B 147 -15.20 1.38 -9.64
CA VAL B 147 -15.70 0.31 -10.55
C VAL B 147 -14.86 0.33 -11.81
N PRO B 148 -14.57 -0.85 -12.41
CA PRO B 148 -14.03 -0.90 -13.76
C PRO B 148 -15.15 -0.43 -14.70
N ASP B 149 -14.79 -0.24 -15.96
CA ASP B 149 -15.76 0.14 -17.01
C ASP B 149 -15.48 -0.73 -18.23
N PRO B 150 -16.46 -1.55 -18.67
CA PRO B 150 -17.77 -1.67 -18.01
C PRO B 150 -17.75 -2.36 -16.64
N GLY B 151 -18.86 -2.28 -15.91
CA GLY B 151 -18.91 -2.54 -14.46
C GLY B 151 -19.25 -3.94 -14.08
N TRP B 152 -19.06 -4.91 -14.99
CA TRP B 152 -19.19 -6.35 -14.64
C TRP B 152 -18.03 -6.72 -13.73
N GLY B 153 -18.20 -7.82 -13.01
CA GLY B 153 -17.13 -8.35 -12.16
C GLY B 153 -17.40 -8.12 -10.69
N SER B 154 -16.37 -8.42 -9.91
CA SER B 154 -16.37 -8.67 -8.45
C SER B 154 -15.36 -7.71 -7.79
N MET B 155 -15.70 -7.17 -6.63
CA MET B 155 -14.78 -6.30 -5.87
C MET B 155 -13.51 -7.13 -5.59
N VAL B 156 -13.70 -8.37 -5.17
CA VAL B 156 -12.57 -9.27 -4.80
C VAL B 156 -11.81 -9.66 -6.06
N GLY B 157 -12.49 -10.18 -7.09
CA GLY B 157 -11.77 -10.86 -8.20
C GLY B 157 -10.96 -9.83 -8.95
N ASN B 158 -11.53 -8.66 -9.09
CA ASN B 158 -10.86 -7.52 -9.76
C ASN B 158 -9.66 -7.12 -8.92
N ALA B 159 -9.82 -6.98 -7.61
CA ALA B 159 -8.68 -6.63 -6.73
C ALA B 159 -7.59 -7.71 -6.82
N MET B 160 -7.93 -9.00 -6.97
CA MET B 160 -6.94 -10.12 -6.96
C MET B 160 -6.09 -10.06 -8.23
N ASP B 161 -6.59 -9.43 -9.31
CA ASP B 161 -5.84 -9.23 -10.57
C ASP B 161 -5.18 -7.85 -10.55
N ARG B 162 -5.38 -7.08 -9.48
CA ARG B 162 -4.92 -5.68 -9.31
C ARG B 162 -5.51 -4.78 -10.40
N GLY B 163 -6.82 -4.83 -10.53
CA GLY B 163 -7.57 -4.02 -11.49
C GLY B 163 -7.70 -2.58 -11.05
N ALA B 164 -8.43 -1.80 -11.82
CA ALA B 164 -8.43 -0.33 -11.69
C ALA B 164 -9.80 0.25 -12.04
N GLY B 165 -10.06 1.45 -11.56
CA GLY B 165 -11.26 2.20 -11.93
C GLY B 165 -10.94 3.68 -12.04
N TYR B 166 -11.98 4.52 -11.85
CA TYR B 166 -11.97 5.91 -12.40
C TYR B 166 -12.49 6.96 -11.42
N THR B 167 -12.53 6.71 -10.11
CA THR B 167 -12.88 7.75 -9.11
C THR B 167 -11.60 8.41 -8.59
N ALA B 168 -11.51 8.67 -7.28
CA ALA B 168 -10.38 9.44 -6.68
C ALA B 168 -9.12 8.56 -6.64
N ALA B 169 -7.93 9.17 -6.75
CA ALA B 169 -6.61 8.51 -6.88
C ALA B 169 -6.44 7.36 -5.87
N GLN B 170 -6.83 7.57 -4.62
CA GLN B 170 -6.69 6.62 -3.49
C GLN B 170 -7.61 5.38 -3.64
N PHE B 171 -8.53 5.34 -4.60
CA PHE B 171 -9.48 4.23 -4.80
C PHE B 171 -9.38 3.65 -6.20
N ARG B 172 -8.66 4.29 -7.13
CA ARG B 172 -8.56 3.80 -8.54
C ARG B 172 -7.77 2.49 -8.56
N ASN B 173 -6.82 2.33 -7.63
CA ASN B 173 -6.02 1.08 -7.44
C ASN B 173 -6.78 0.14 -6.50
N HIS B 174 -7.52 -0.81 -7.02
CA HIS B 174 -8.50 -1.57 -6.21
C HIS B 174 -7.80 -2.33 -5.09
N PHE B 175 -6.70 -3.02 -5.42
CA PHE B 175 -5.99 -3.83 -4.43
C PHE B 175 -5.37 -2.91 -3.38
N ASP B 176 -4.89 -1.74 -3.78
CA ASP B 176 -4.27 -0.80 -2.81
C ASP B 176 -5.34 -0.28 -1.83
N ALA B 177 -6.60 -0.23 -2.23
CA ALA B 177 -7.72 0.26 -1.41
C ALA B 177 -8.27 -0.82 -0.49
N HIS B 178 -7.82 -2.08 -0.63
CA HIS B 178 -8.32 -3.18 0.21
C HIS B 178 -7.70 -3.04 1.61
N CYS B 179 -8.41 -3.49 2.61
CA CYS B 179 -7.90 -3.53 3.99
C CYS B 179 -8.37 -4.81 4.65
N GLY B 180 -7.47 -5.76 4.84
CA GLY B 180 -7.76 -7.04 5.49
C GLY B 180 -8.28 -8.04 4.49
N MET B 181 -7.89 -9.28 4.68
CA MET B 181 -8.32 -10.44 3.84
C MET B 181 -8.51 -11.64 4.75
N GLU B 182 -9.31 -12.59 4.29
CA GLU B 182 -9.29 -13.98 4.77
C GLU B 182 -8.87 -14.85 3.58
N VAL B 183 -7.98 -15.79 3.86
CA VAL B 183 -7.36 -16.70 2.89
C VAL B 183 -7.55 -18.13 3.41
N VAL B 184 -7.95 -19.03 2.50
CA VAL B 184 -7.84 -20.50 2.70
C VAL B 184 -6.59 -21.01 1.99
N LEU B 185 -5.71 -21.71 2.71
CA LEU B 185 -4.44 -22.24 2.18
C LEU B 185 -4.70 -23.58 1.50
N ALA B 186 -3.72 -24.07 0.76
CA ALA B 186 -3.81 -25.31 -0.03
C ALA B 186 -4.19 -26.49 0.87
N ASN B 187 -3.86 -26.42 2.16
CA ASN B 187 -4.06 -27.54 3.12
C ASN B 187 -5.45 -27.42 3.76
N GLY B 188 -6.22 -26.37 3.46
CA GLY B 188 -7.61 -26.22 3.93
C GLY B 188 -7.70 -25.35 5.18
N GLU B 189 -6.57 -24.94 5.76
CA GLU B 189 -6.59 -24.06 6.96
C GLU B 189 -6.97 -22.65 6.51
N VAL B 190 -7.63 -21.91 7.41
CA VAL B 190 -8.08 -20.53 7.12
C VAL B 190 -7.25 -19.57 7.98
N MET B 191 -6.90 -18.44 7.37
CA MET B 191 -5.94 -17.47 7.94
C MET B 191 -6.51 -16.08 7.67
N ARG B 192 -6.46 -15.18 8.67
CA ARG B 192 -6.82 -13.76 8.45
C ARG B 192 -5.56 -12.91 8.47
N THR B 193 -5.49 -11.95 7.55
CA THR B 193 -4.33 -11.04 7.43
C THR B 193 -4.63 -9.74 8.18
N GLY B 194 -3.58 -8.96 8.45
CA GLY B 194 -3.70 -7.67 9.14
C GLY B 194 -4.25 -7.88 10.53
N MET B 195 -5.10 -6.94 10.97
CA MET B 195 -5.67 -6.94 12.34
C MET B 195 -6.66 -8.11 12.51
N GLY B 196 -7.16 -8.65 11.40
CA GLY B 196 -8.10 -9.78 11.43
C GLY B 196 -7.50 -11.02 12.05
N ALA B 197 -6.17 -11.15 12.08
CA ALA B 197 -5.44 -12.27 12.71
C ALA B 197 -5.64 -12.28 14.25
N MET B 198 -6.13 -11.17 14.82
CA MET B 198 -6.58 -11.07 16.24
C MET B 198 -8.05 -11.48 16.30
N PRO B 199 -8.43 -12.55 17.03
CA PRO B 199 -9.86 -12.85 17.18
C PRO B 199 -10.58 -11.64 17.78
N LYS B 200 -11.75 -11.28 17.29
CA LYS B 200 -12.53 -10.14 17.84
C LYS B 200 -11.81 -8.82 17.53
N SER B 201 -10.79 -8.80 16.66
CA SER B 201 -10.21 -7.52 16.21
C SER B 201 -11.35 -6.58 15.86
N LYS B 202 -11.26 -5.30 16.25
CA LYS B 202 -12.21 -4.27 15.80
C LYS B 202 -11.69 -3.52 14.56
N THR B 203 -10.50 -3.85 14.05
CA THR B 203 -9.80 -2.94 13.10
C THR B 203 -9.43 -3.65 11.80
N TRP B 204 -10.02 -4.80 11.49
CA TRP B 204 -9.66 -5.59 10.28
C TRP B 204 -9.76 -4.72 9.01
N ALA B 205 -10.77 -3.87 8.89
CA ALA B 205 -11.04 -3.00 7.70
C ALA B 205 -10.55 -1.58 7.93
N MET B 206 -9.78 -1.32 8.98
CA MET B 206 -9.32 0.05 9.30
C MET B 206 -7.81 0.21 9.28
N TYR B 207 -7.03 -0.81 9.64
CA TYR B 207 -5.55 -0.75 9.69
C TYR B 207 -5.03 -1.91 8.85
N LYS B 208 -4.36 -1.57 7.74
CA LYS B 208 -4.01 -2.52 6.66
C LYS B 208 -3.03 -3.62 7.11
N THR B 209 -1.85 -3.26 7.63
CA THR B 209 -0.68 -4.18 7.66
C THR B 209 -0.82 -5.21 8.79
N GLY B 210 -1.46 -4.82 9.87
CA GLY B 210 -1.39 -5.57 11.14
C GLY B 210 0.01 -5.53 11.75
N PHE B 211 0.45 -6.67 12.25
CA PHE B 211 1.70 -6.86 13.03
C PHE B 211 2.57 -7.91 12.34
N GLY B 212 3.84 -7.57 12.15
CA GLY B 212 4.81 -8.46 11.52
C GLY B 212 4.70 -8.36 10.01
N PRO B 213 5.21 -9.35 9.26
CA PRO B 213 5.29 -9.24 7.81
C PRO B 213 3.92 -8.89 7.20
N ALA B 214 3.88 -7.91 6.28
CA ALA B 214 2.62 -7.48 5.63
C ALA B 214 2.44 -8.34 4.39
N ILE B 215 1.56 -9.33 4.44
CA ILE B 215 1.59 -10.45 3.45
C ILE B 215 0.50 -10.35 2.37
N ASP B 216 -0.47 -9.43 2.49
CA ASP B 216 -1.70 -9.42 1.64
C ASP B 216 -1.32 -9.44 0.15
N GLY B 217 -0.32 -8.65 -0.22
CA GLY B 217 0.10 -8.46 -1.62
C GLY B 217 0.51 -9.76 -2.28
N ILE B 218 1.01 -10.77 -1.54
CA ILE B 218 1.58 -11.99 -2.18
C ILE B 218 0.42 -12.81 -2.77
N PHE B 219 -0.83 -12.52 -2.41
CA PHE B 219 -2.00 -13.31 -2.87
C PHE B 219 -2.53 -12.76 -4.19
N SER B 220 -2.13 -11.55 -4.55
CA SER B 220 -2.61 -10.85 -5.78
C SER B 220 -1.67 -11.23 -6.92
N GLN B 221 -2.24 -11.40 -8.10
CA GLN B 221 -1.52 -11.86 -9.31
C GLN B 221 -0.69 -13.08 -8.90
N SER B 222 -1.31 -13.98 -8.16
CA SER B 222 -0.59 -15.07 -7.48
C SER B 222 -1.39 -16.38 -7.45
N ASN B 223 -0.84 -17.40 -6.77
CA ASN B 223 -1.52 -18.71 -6.61
C ASN B 223 -1.11 -19.29 -5.25
N PHE B 224 -1.08 -18.44 -4.22
CA PHE B 224 -0.55 -18.81 -2.89
C PHE B 224 -1.71 -19.06 -1.93
N GLY B 225 -2.93 -18.74 -2.34
CA GLY B 225 -4.08 -18.83 -1.44
C GLY B 225 -5.40 -18.59 -2.14
N ILE B 226 -6.48 -19.02 -1.49
CA ILE B 226 -7.89 -18.82 -1.91
C ILE B 226 -8.50 -17.71 -1.06
N VAL B 227 -8.79 -16.56 -1.63
CA VAL B 227 -9.32 -15.43 -0.83
C VAL B 227 -10.82 -15.62 -0.66
N THR B 228 -11.30 -15.56 0.58
CA THR B 228 -12.72 -15.82 0.92
C THR B 228 -13.39 -14.56 1.46
N LYS B 229 -12.60 -13.59 1.95
CA LYS B 229 -13.15 -12.31 2.46
C LYS B 229 -12.14 -11.21 2.20
N MET B 230 -12.63 -10.01 1.93
CA MET B 230 -11.77 -8.81 1.76
C MET B 230 -12.48 -7.58 2.28
N GLY B 231 -11.73 -6.73 2.96
CA GLY B 231 -12.20 -5.39 3.31
C GLY B 231 -11.78 -4.38 2.25
N PHE B 232 -12.59 -3.34 2.08
CA PHE B 232 -12.27 -2.20 1.19
C PHE B 232 -12.55 -0.91 1.94
N TRP B 233 -11.61 0.01 1.82
CA TRP B 233 -11.79 1.46 2.07
C TRP B 233 -12.67 2.02 0.94
N LEU B 234 -13.72 2.72 1.32
CA LEU B 234 -14.68 3.32 0.37
C LEU B 234 -14.60 4.84 0.44
N MET B 235 -14.87 5.47 -0.70
CA MET B 235 -14.86 6.93 -0.91
C MET B 235 -16.18 7.53 -0.41
N PRO B 236 -16.14 8.47 0.55
CA PRO B 236 -17.37 9.19 0.90
C PRO B 236 -17.91 9.90 -0.35
N GLU B 237 -19.23 9.92 -0.53
CA GLU B 237 -19.85 10.74 -1.61
C GLU B 237 -19.43 12.20 -1.42
N PRO B 238 -18.72 12.84 -2.37
CA PRO B 238 -18.33 14.23 -2.17
C PRO B 238 -19.54 15.16 -2.31
N GLU B 239 -19.38 16.40 -1.84
CA GLU B 239 -20.39 17.48 -2.02
C GLU B 239 -20.71 17.72 -3.49
N ALA B 240 -19.67 17.80 -4.33
CA ALA B 240 -19.79 18.27 -5.73
C ALA B 240 -18.67 17.64 -6.59
N PHE B 241 -18.83 17.79 -7.91
CA PHE B 241 -18.03 17.20 -8.99
C PHE B 241 -17.76 18.31 -10.00
N LEU B 242 -16.50 18.58 -10.33
CA LEU B 242 -16.18 19.57 -11.38
C LEU B 242 -15.19 18.92 -12.34
N LYS B 243 -15.53 18.94 -13.63
CA LYS B 243 -14.53 18.54 -14.64
C LYS B 243 -14.19 19.75 -15.47
N GLY B 244 -12.89 20.05 -15.57
CA GLY B 244 -12.33 21.18 -16.33
C GLY B 244 -11.50 20.67 -17.46
N HIS B 245 -11.62 21.36 -18.60
CA HIS B 245 -10.89 21.07 -19.86
C HIS B 245 -9.79 22.09 -20.06
N ILE B 246 -8.58 21.61 -20.30
CA ILE B 246 -7.41 22.42 -20.71
C ILE B 246 -7.07 22.02 -22.14
N HIS B 247 -7.03 23.00 -23.04
CA HIS B 247 -6.80 22.83 -24.49
C HIS B 247 -5.44 23.45 -24.86
N LEU B 248 -4.55 22.66 -25.43
CA LEU B 248 -3.21 23.13 -25.81
C LEU B 248 -3.04 22.96 -27.33
N SER B 249 -2.26 23.85 -27.95
CA SER B 249 -2.22 24.05 -29.43
C SER B 249 -1.09 23.25 -30.08
N GLN B 250 -0.03 22.86 -29.38
CA GLN B 250 1.16 22.29 -30.06
C GLN B 250 1.35 20.82 -29.69
N TYR B 251 1.86 20.02 -30.62
CA TYR B 251 2.34 18.64 -30.37
C TYR B 251 3.34 18.67 -29.21
N SER B 252 4.33 19.56 -29.29
CA SER B 252 5.46 19.69 -28.33
C SER B 252 4.96 20.07 -26.93
N ASP B 253 3.73 20.55 -26.78
CA ASP B 253 3.15 20.82 -25.43
C ASP B 253 3.05 19.56 -24.55
N MET B 254 3.06 18.34 -25.11
CA MET B 254 2.91 17.06 -24.33
C MET B 254 3.91 17.03 -23.19
N VAL B 255 5.17 17.35 -23.47
CA VAL B 255 6.25 17.21 -22.46
C VAL B 255 5.91 18.09 -21.25
N PRO B 256 5.73 19.42 -21.37
CA PRO B 256 5.35 20.22 -20.20
C PRO B 256 3.95 19.95 -19.63
N LEU B 257 3.01 19.46 -20.44
CA LEU B 257 1.65 19.05 -19.96
C LEU B 257 1.82 17.92 -18.94
N VAL B 258 2.63 16.93 -19.27
CA VAL B 258 2.83 15.74 -18.41
C VAL B 258 3.45 16.21 -17.11
N GLU B 259 4.42 17.13 -17.17
CA GLU B 259 5.18 17.60 -16.00
C GLU B 259 4.23 18.34 -15.08
N LEU B 260 3.42 19.23 -15.65
CA LEU B 260 2.56 20.10 -14.83
C LEU B 260 1.38 19.27 -14.29
N MET B 261 0.73 18.49 -15.14
CA MET B 261 -0.39 17.62 -14.73
C MET B 261 0.08 16.71 -13.57
N THR B 262 1.26 16.11 -13.69
CA THR B 262 1.82 15.21 -12.63
C THR B 262 2.13 15.99 -11.34
N GLU B 263 2.73 17.17 -11.43
CA GLU B 263 2.96 18.03 -10.25
C GLU B 263 1.62 18.34 -9.56
N LEU B 264 0.58 18.70 -10.30
CA LEU B 264 -0.70 19.14 -9.69
C LEU B 264 -1.37 17.91 -9.06
N GLU B 265 -1.24 16.76 -9.73
CA GLU B 265 -1.77 15.48 -9.21
C GLU B 265 -1.04 15.12 -7.91
N ASN B 266 0.27 15.21 -7.90
CA ASN B 266 1.10 14.85 -6.72
C ASN B 266 0.87 15.86 -5.59
N SER B 267 0.47 17.09 -5.93
CA SER B 267 0.18 18.18 -4.97
C SER B 267 -1.27 18.07 -4.52
N LYS B 268 -2.02 17.12 -5.08
CA LYS B 268 -3.42 16.84 -4.72
C LYS B 268 -4.28 18.11 -4.93
N ILE B 269 -4.01 18.86 -6.01
CA ILE B 269 -4.90 19.95 -6.52
C ILE B 269 -6.19 19.32 -7.03
N PHE B 270 -6.07 18.15 -7.63
CA PHE B 270 -7.19 17.31 -8.09
C PHE B 270 -6.89 15.87 -7.66
N THR B 271 -7.94 15.11 -7.39
CA THR B 271 -7.82 13.67 -7.07
C THR B 271 -8.57 12.82 -8.09
N GLY B 272 -9.31 13.43 -9.02
CA GLY B 272 -10.04 12.66 -10.04
C GLY B 272 -9.13 12.16 -11.14
N TYR B 273 -9.69 11.38 -12.05
CA TYR B 273 -8.95 10.75 -13.16
C TYR B 273 -8.57 11.80 -14.18
N PRO B 274 -7.27 12.03 -14.46
CA PRO B 274 -6.86 12.97 -15.50
C PRO B 274 -6.91 12.26 -16.86
N ASP B 275 -7.60 12.86 -17.82
CA ASP B 275 -7.92 12.23 -19.13
C ASP B 275 -7.29 13.14 -20.18
N ILE B 276 -6.35 12.62 -20.95
CA ILE B 276 -5.59 13.36 -22.00
C ILE B 276 -5.98 12.77 -23.34
N ASN B 277 -6.50 13.58 -24.25
CA ASN B 277 -6.74 13.14 -25.65
C ASN B 277 -6.17 14.19 -26.60
N SER B 278 -6.19 13.85 -27.89
CA SER B 278 -5.80 14.78 -28.96
C SER B 278 -6.97 14.95 -29.92
N PRO B 279 -7.69 16.07 -29.84
CA PRO B 279 -8.69 16.44 -30.86
C PRO B 279 -8.14 16.50 -32.29
N ALA B 280 -6.95 17.06 -32.44
CA ALA B 280 -6.24 17.18 -33.72
C ALA B 280 -6.08 15.78 -34.34
N MET B 281 -5.67 14.79 -33.56
CA MET B 281 -5.40 13.43 -34.10
C MET B 281 -6.66 12.59 -34.04
N GLY B 282 -7.74 13.14 -33.47
CA GLY B 282 -9.05 12.48 -33.42
C GLY B 282 -9.07 11.33 -32.44
N THR B 283 -8.13 11.29 -31.50
CA THR B 283 -8.10 10.26 -30.50
C THR B 283 -9.15 10.54 -29.46
N PRO B 284 -9.78 9.48 -28.97
CA PRO B 284 -10.83 9.80 -28.02
C PRO B 284 -10.42 9.75 -26.58
N SER B 285 -11.12 10.52 -25.76
CA SER B 285 -10.90 10.45 -24.35
C SER B 285 -12.11 9.72 -23.81
N LEU B 286 -12.66 10.22 -22.72
CA LEU B 286 -13.88 9.62 -22.15
C LEU B 286 -15.13 10.19 -22.77
N ALA B 287 -14.96 11.00 -23.80
CA ALA B 287 -16.10 11.49 -24.53
C ALA B 287 -16.88 10.29 -25.06
N GLY B 288 -18.14 10.13 -24.62
CA GLY B 288 -18.93 8.96 -24.99
C GLY B 288 -19.45 9.04 -26.40
N LEU B 289 -19.64 10.26 -26.88
CA LEU B 289 -20.16 10.46 -28.25
C LEU B 289 -19.31 9.70 -29.28
N HIS B 290 -17.99 9.59 -29.07
CA HIS B 290 -17.11 9.01 -30.14
C HIS B 290 -17.77 7.81 -30.83
N GLU B 291 -17.98 6.72 -30.11
CA GLU B 291 -18.54 5.52 -30.79
C GLU B 291 -19.95 5.86 -31.26
N PHE B 292 -20.65 6.73 -30.52
CA PHE B 292 -22.04 7.13 -30.86
C PHE B 292 -22.09 8.00 -32.12
N LEU B 293 -20.95 8.50 -32.62
CA LEU B 293 -21.02 9.45 -33.75
C LEU B 293 -19.68 9.51 -34.50
N GLN B 300 -15.63 14.27 -40.79
CA GLN B 300 -14.67 13.52 -41.64
C GLN B 300 -14.02 14.50 -42.65
N ASP B 301 -13.13 15.36 -42.17
CA ASP B 301 -12.41 16.29 -43.08
C ASP B 301 -11.55 15.48 -44.04
N PRO B 302 -11.54 15.80 -45.35
CA PRO B 302 -10.68 15.09 -46.30
C PRO B 302 -9.20 15.22 -45.92
N GLU B 303 -8.81 16.39 -45.44
CA GLU B 303 -7.42 16.63 -45.03
C GLU B 303 -7.09 15.69 -43.88
N PHE B 304 -8.00 15.56 -42.94
CA PHE B 304 -7.79 14.66 -41.77
C PHE B 304 -7.75 13.21 -42.25
N MET B 305 -8.67 12.84 -43.13
CA MET B 305 -8.76 11.42 -43.57
C MET B 305 -7.52 11.03 -44.36
N ALA B 306 -6.94 11.97 -45.10
CA ALA B 306 -5.72 11.68 -45.88
C ALA B 306 -4.58 11.45 -44.88
N LEU B 307 -4.47 12.33 -43.89
CA LEU B 307 -3.43 12.21 -42.82
C LEU B 307 -3.51 10.81 -42.21
N LEU B 308 -4.72 10.38 -41.86
CA LEU B 308 -4.97 9.10 -41.16
C LEU B 308 -4.69 7.94 -42.11
N GLY B 309 -5.06 8.08 -43.39
CA GLY B 309 -4.84 7.08 -44.44
C GLY B 309 -3.37 6.72 -44.59
N ARG B 310 -2.50 7.72 -44.75
CA ARG B 310 -1.06 7.48 -45.05
C ARG B 310 -0.23 7.25 -43.78
N GLY B 311 -0.87 6.96 -42.64
CA GLY B 311 -0.25 6.82 -41.30
C GLY B 311 0.63 8.01 -40.93
N ALA B 312 0.16 9.23 -41.18
CA ALA B 312 0.89 10.49 -40.88
C ALA B 312 1.36 10.45 -39.42
N LYS B 313 2.51 11.05 -39.17
CA LYS B 313 3.00 11.17 -37.79
C LYS B 313 2.29 12.34 -37.10
N PRO B 314 2.24 12.32 -35.76
CA PRO B 314 1.52 13.32 -34.98
C PRO B 314 1.85 14.76 -35.40
N GLU B 315 3.13 15.04 -35.65
CA GLU B 315 3.61 16.41 -35.96
C GLU B 315 2.86 16.95 -37.20
N GLU B 316 2.41 16.05 -38.09
CA GLU B 316 1.82 16.43 -39.39
C GLU B 316 0.38 16.90 -39.18
N TYR B 317 -0.19 16.70 -38.00
CA TYR B 317 -1.56 17.14 -37.67
C TYR B 317 -1.56 18.58 -37.15
N GLU B 318 -0.41 19.16 -36.81
CA GLU B 318 -0.36 20.43 -36.06
C GLU B 318 -0.86 21.58 -36.94
N ALA B 319 -0.39 21.67 -38.18
CA ALA B 319 -0.83 22.69 -39.18
C ALA B 319 -2.34 22.56 -39.41
N TYR B 320 -2.83 21.34 -39.63
CA TYR B 320 -4.27 21.04 -39.85
C TYR B 320 -5.09 21.53 -38.65
N ALA B 321 -4.67 21.15 -37.45
CA ALA B 321 -5.35 21.48 -36.17
C ALA B 321 -5.44 23.00 -36.03
N LYS B 322 -4.31 23.67 -36.27
CA LYS B 322 -4.13 25.14 -36.11
C LYS B 322 -5.10 25.85 -37.06
N LYS B 323 -5.17 25.38 -38.31
CA LYS B 323 -6.05 25.95 -39.38
C LYS B 323 -7.52 25.81 -38.98
N LYS B 324 -7.94 24.65 -38.47
CA LYS B 324 -9.34 24.38 -38.05
C LYS B 324 -9.66 25.01 -36.68
N GLY B 325 -8.66 25.54 -35.96
CA GLY B 325 -8.77 26.02 -34.56
C GLY B 325 -9.03 24.88 -33.58
N ILE B 326 -8.62 23.66 -33.92
CA ILE B 326 -8.76 22.43 -33.06
C ILE B 326 -7.55 22.37 -32.12
N PRO B 327 -7.75 22.09 -30.81
CA PRO B 327 -6.60 21.87 -29.93
C PRO B 327 -5.81 20.61 -30.37
N PHE B 328 -4.50 20.64 -30.17
CA PHE B 328 -3.67 19.44 -30.32
C PHE B 328 -3.93 18.51 -29.12
N TRP B 329 -3.95 19.07 -27.90
CA TRP B 329 -4.22 18.27 -26.68
C TRP B 329 -5.36 18.88 -25.89
N THR B 330 -6.23 18.01 -25.37
CA THR B 330 -7.13 18.31 -24.24
C THR B 330 -6.74 17.48 -23.03
N CYS B 331 -6.55 18.16 -21.90
CA CYS B 331 -6.39 17.52 -20.58
C CYS B 331 -7.65 17.82 -19.78
N ALA B 332 -8.43 16.78 -19.45
CA ALA B 332 -9.64 16.92 -18.61
C ALA B 332 -9.23 16.63 -17.17
N LEU B 333 -9.38 17.60 -16.26
CA LEU B 333 -9.09 17.41 -14.81
C LEU B 333 -10.42 17.28 -14.07
N THR B 334 -10.55 16.25 -13.23
CA THR B 334 -11.77 16.01 -12.42
C THR B 334 -11.46 16.32 -10.97
N PHE B 335 -12.39 16.98 -10.30
CA PHE B 335 -12.26 17.51 -8.93
C PHE B 335 -13.46 17.05 -8.12
N TYR B 336 -13.22 16.47 -6.96
CA TYR B 336 -14.27 16.03 -6.02
C TYR B 336 -14.17 16.85 -4.74
N GLY B 337 -15.29 17.34 -4.23
CA GLY B 337 -15.30 18.05 -2.94
C GLY B 337 -16.33 19.19 -2.94
N PRO B 338 -16.32 20.02 -1.89
CA PRO B 338 -17.20 21.18 -1.77
C PRO B 338 -17.02 22.09 -2.98
N GLU B 339 -18.13 22.63 -3.48
CA GLU B 339 -18.17 23.54 -4.67
C GLU B 339 -17.09 24.61 -4.56
N LYS B 340 -17.03 25.35 -3.45
CA LYS B 340 -16.06 26.46 -3.30
C LYS B 340 -14.64 25.92 -3.41
N VAL B 341 -14.42 24.73 -2.83
CA VAL B 341 -13.06 24.12 -2.78
C VAL B 341 -12.62 23.73 -4.21
N ILE B 342 -13.47 22.99 -4.93
CA ILE B 342 -13.07 22.43 -6.25
C ILE B 342 -13.01 23.56 -7.27
N ARG B 343 -13.84 24.60 -7.12
CA ARG B 343 -13.74 25.79 -8.01
C ARG B 343 -12.41 26.52 -7.78
N ALA B 344 -11.92 26.60 -6.53
CA ALA B 344 -10.59 27.18 -6.20
C ALA B 344 -9.47 26.27 -6.76
N GLN B 345 -9.60 24.94 -6.64
CA GLN B 345 -8.58 23.99 -7.18
C GLN B 345 -8.49 24.19 -8.69
N TRP B 346 -9.64 24.23 -9.36
CA TRP B 346 -9.72 24.40 -10.83
C TRP B 346 -9.11 25.75 -11.24
N GLU B 347 -9.36 26.80 -10.45
CA GLU B 347 -8.84 28.17 -10.72
C GLU B 347 -7.32 28.11 -10.61
N TYR B 348 -6.82 27.41 -9.58
CA TYR B 348 -5.35 27.27 -9.39
C TYR B 348 -4.73 26.51 -10.57
N ALA B 349 -5.34 25.39 -10.95
CA ALA B 349 -4.92 24.57 -12.11
C ALA B 349 -4.84 25.46 -13.36
N GLN B 350 -5.90 26.23 -13.65
CA GLN B 350 -5.91 27.17 -14.80
C GLN B 350 -4.76 28.18 -14.71
N GLU B 351 -4.51 28.77 -13.53
CA GLU B 351 -3.43 29.78 -13.35
C GLU B 351 -2.08 29.16 -13.67
N ARG B 352 -1.82 27.93 -13.18
CA ARG B 352 -0.53 27.26 -13.43
C ARG B 352 -0.41 26.95 -14.93
N PHE B 353 -1.47 26.46 -15.58
CA PHE B 353 -1.42 26.09 -17.02
C PHE B 353 -1.25 27.36 -17.87
N LYS B 354 -1.90 28.46 -17.50
CA LYS B 354 -1.84 29.75 -18.26
C LYS B 354 -0.42 30.30 -18.18
N LYS B 355 0.21 30.25 -17.00
CA LYS B 355 1.62 30.68 -16.82
C LYS B 355 2.54 29.82 -17.72
N ALA B 356 2.34 28.51 -17.82
CA ALA B 356 3.25 27.62 -18.60
C ALA B 356 2.89 27.66 -20.09
N PHE B 357 1.63 27.93 -20.41
CA PHE B 357 1.10 27.87 -21.79
C PHE B 357 0.26 29.11 -22.05
N PRO B 358 0.85 30.24 -22.46
CA PRO B 358 0.11 31.50 -22.59
C PRO B 358 -1.06 31.44 -23.60
N ASP B 359 -1.03 30.48 -24.53
CA ASP B 359 -2.07 30.26 -25.57
C ASP B 359 -3.09 29.20 -25.11
N ALA B 360 -2.98 28.67 -23.88
CA ALA B 360 -3.92 27.66 -23.34
C ALA B 360 -5.33 28.25 -23.26
N LYS B 361 -6.32 27.42 -23.59
CA LYS B 361 -7.75 27.73 -23.44
C LYS B 361 -8.34 26.75 -22.43
N PHE B 362 -9.42 27.14 -21.77
CA PHE B 362 -10.04 26.44 -20.62
C PHE B 362 -11.54 26.42 -20.80
N ALA B 363 -12.20 25.37 -20.34
CA ALA B 363 -13.67 25.31 -20.26
C ALA B 363 -14.05 24.45 -19.05
N GLU B 364 -15.14 24.84 -18.39
CA GLU B 364 -15.84 23.99 -17.40
C GLU B 364 -16.70 23.01 -18.22
N HIS B 365 -16.40 21.72 -18.12
CA HIS B 365 -17.00 20.67 -18.99
C HIS B 365 -18.19 20.05 -18.28
N GLU B 366 -18.08 19.79 -16.98
CA GLU B 366 -19.19 19.24 -16.15
C GLU B 366 -19.13 19.88 -14.78
N PHE B 367 -20.28 20.08 -14.17
CA PHE B 367 -20.40 20.46 -12.76
C PHE B 367 -21.68 19.84 -12.24
N TYR B 368 -21.62 19.11 -11.14
CA TYR B 368 -22.78 18.55 -10.44
C TYR B 368 -22.61 18.76 -8.95
N LYS B 369 -23.70 19.16 -8.30
CA LYS B 369 -23.88 19.04 -6.85
C LYS B 369 -24.39 17.63 -6.64
N LEU B 370 -23.81 16.91 -5.69
CA LEU B 370 -24.22 15.53 -5.36
C LEU B 370 -25.10 15.61 -4.12
N PRO B 371 -26.02 14.65 -3.90
CA PRO B 371 -26.19 13.49 -4.77
C PRO B 371 -26.93 13.82 -6.07
N LEU B 372 -26.81 12.93 -7.05
CA LEU B 372 -27.57 12.96 -8.32
C LEU B 372 -28.80 12.06 -8.13
N THR B 373 -29.88 12.30 -8.88
CA THR B 373 -30.99 11.32 -9.06
C THR B 373 -30.50 10.21 -9.98
N PRO B 374 -31.06 8.99 -9.87
CA PRO B 374 -30.80 7.93 -10.84
C PRO B 374 -30.85 8.46 -12.28
N GLU B 375 -31.84 9.32 -12.56
CA GLU B 375 -32.04 9.85 -13.93
C GLU B 375 -30.95 10.88 -14.28
N GLN B 376 -30.58 11.78 -13.37
CA GLN B 376 -29.49 12.76 -13.69
C GLN B 376 -28.18 11.99 -13.89
N ALA B 377 -27.96 10.92 -13.11
CA ALA B 377 -26.75 10.08 -13.17
C ALA B 377 -26.59 9.52 -14.57
N GLU B 378 -27.70 9.11 -15.20
CA GLU B 378 -27.72 8.50 -16.55
C GLU B 378 -27.22 9.47 -17.61
N LYS B 379 -27.08 10.77 -17.30
CA LYS B 379 -26.72 11.81 -18.30
C LYS B 379 -25.27 12.29 -18.15
N VAL B 380 -24.57 11.92 -17.08
CA VAL B 380 -23.17 12.36 -16.87
C VAL B 380 -22.29 11.76 -17.97
N GLU B 381 -21.18 12.40 -18.27
CA GLU B 381 -20.31 11.97 -19.39
C GLU B 381 -19.81 10.53 -19.16
N TYR B 382 -19.38 10.22 -17.95
CA TYR B 382 -18.71 8.93 -17.66
C TYR B 382 -19.10 8.46 -16.28
N PRO B 383 -20.22 7.69 -16.15
CA PRO B 383 -20.75 7.29 -14.84
C PRO B 383 -19.74 6.58 -13.92
N ALA B 384 -18.70 5.92 -14.46
CA ALA B 384 -17.66 5.23 -13.65
C ALA B 384 -16.98 6.24 -12.72
N GLN B 385 -16.93 7.52 -13.11
CA GLN B 385 -16.27 8.58 -12.31
C GLN B 385 -17.08 8.87 -11.06
N PHE B 386 -18.34 8.40 -11.02
CA PHE B 386 -19.27 8.57 -9.87
C PHE B 386 -19.41 7.24 -9.17
N GLY B 387 -18.56 6.27 -9.55
CA GLY B 387 -18.57 4.92 -8.99
C GLY B 387 -19.82 4.16 -9.43
N ILE B 388 -20.40 4.49 -10.57
CA ILE B 388 -21.62 3.78 -11.07
C ILE B 388 -21.20 2.68 -12.06
N PRO B 389 -21.27 1.39 -11.69
CA PRO B 389 -20.93 0.31 -12.61
C PRO B 389 -22.05 0.22 -13.66
N ASN B 390 -21.69 0.15 -14.93
CA ASN B 390 -22.67 0.28 -16.03
C ASN B 390 -22.13 -0.37 -17.30
N LEU B 391 -23.00 -0.53 -18.29
CA LEU B 391 -22.69 -1.23 -19.55
C LEU B 391 -22.89 -0.27 -20.72
N ARG B 392 -22.99 1.02 -20.45
CA ARG B 392 -23.32 1.99 -21.48
C ARG B 392 -22.23 2.27 -22.43
N THR B 393 -21.01 2.22 -21.95
CA THR B 393 -19.90 2.62 -22.78
C THR B 393 -19.88 1.94 -24.14
N PHE B 394 -20.08 0.64 -24.18
CA PHE B 394 -20.14 -0.04 -25.45
C PHE B 394 -21.56 -0.25 -26.03
N ALA B 395 -22.57 0.29 -25.41
CA ALA B 395 -23.91 0.22 -25.98
C ALA B 395 -23.90 1.23 -27.08
N ILE B 396 -23.46 0.84 -28.28
CA ILE B 396 -23.29 1.76 -29.40
C ILE B 396 -22.40 2.91 -28.97
N GLY B 410 -13.17 -9.87 -30.08
CA GLY B 410 -12.67 -10.20 -28.73
C GLY B 410 -11.25 -9.72 -28.62
N HIS B 411 -10.77 -9.52 -27.38
CA HIS B 411 -9.45 -8.88 -27.28
C HIS B 411 -8.64 -9.13 -26.00
N ALA B 412 -7.44 -8.56 -26.03
CA ALA B 412 -6.48 -8.64 -24.92
C ALA B 412 -5.62 -7.40 -25.13
N TRP B 413 -4.67 -7.11 -24.27
CA TRP B 413 -3.84 -5.92 -24.57
C TRP B 413 -2.41 -6.00 -24.04
N PHE B 414 -1.46 -5.37 -24.71
CA PHE B 414 -0.13 -5.11 -24.13
C PHE B 414 -0.20 -3.69 -23.57
N SER B 415 0.04 -3.54 -22.27
CA SER B 415 -0.16 -2.28 -21.54
C SER B 415 1.07 -2.02 -20.69
N PRO B 416 2.25 -1.83 -21.33
CA PRO B 416 3.46 -1.45 -20.63
C PRO B 416 3.36 -0.11 -19.89
N VAL B 417 4.01 -0.07 -18.73
CA VAL B 417 3.99 1.06 -17.78
C VAL B 417 5.22 1.91 -18.04
N ILE B 418 5.04 3.22 -18.13
CA ILE B 418 6.14 4.18 -18.35
C ILE B 418 6.06 5.22 -17.25
N PRO B 419 7.16 5.98 -17.06
CA PRO B 419 7.17 7.10 -16.13
C PRO B 419 6.29 8.29 -16.56
N ARG B 420 6.05 9.20 -15.61
CA ARG B 420 5.36 10.51 -15.86
C ARG B 420 6.39 11.44 -16.47
N ASP B 421 6.75 11.13 -17.71
CA ASP B 421 7.78 11.87 -18.48
C ASP B 421 7.32 11.90 -19.94
N GLY B 422 7.08 13.09 -20.48
CA GLY B 422 6.69 13.32 -21.88
C GLY B 422 7.70 12.79 -22.88
N ALA B 423 9.00 12.86 -22.56
CA ALA B 423 10.06 12.29 -23.43
C ALA B 423 9.83 10.79 -23.56
N GLU B 424 9.35 10.12 -22.50
CA GLU B 424 9.14 8.66 -22.54
C GLU B 424 7.83 8.38 -23.31
N VAL B 425 6.83 9.24 -23.18
CA VAL B 425 5.58 9.14 -23.98
C VAL B 425 5.97 9.11 -25.47
N LEU B 426 6.83 10.04 -25.91
CA LEU B 426 7.36 10.12 -27.31
C LEU B 426 8.21 8.89 -27.65
N LYS B 427 9.10 8.45 -26.76
CA LYS B 427 10.04 7.34 -27.05
C LYS B 427 9.23 6.04 -27.24
N ILE B 428 8.22 5.77 -26.41
CA ILE B 428 7.50 4.47 -26.52
C ILE B 428 6.69 4.46 -27.81
N ASN B 429 6.10 5.60 -28.19
CA ASN B 429 5.43 5.76 -29.51
C ASN B 429 6.41 5.51 -30.65
N GLU B 430 7.54 6.23 -30.64
CA GLU B 430 8.59 6.09 -31.69
C GLU B 430 9.05 4.63 -31.79
N VAL B 431 9.24 3.95 -30.65
CA VAL B 431 9.88 2.61 -30.59
C VAL B 431 8.87 1.48 -30.88
N LEU B 432 7.75 1.44 -30.17
CA LEU B 432 6.79 0.31 -30.26
C LEU B 432 5.84 0.53 -31.44
N GLY B 433 5.58 1.78 -31.80
CA GLY B 433 4.74 2.12 -32.96
C GLY B 433 5.35 1.55 -34.23
N THR B 434 6.67 1.69 -34.36
CA THR B 434 7.41 1.20 -35.55
C THR B 434 7.45 -0.34 -35.50
N GLU B 435 8.04 -0.98 -34.47
CA GLU B 435 8.00 -2.48 -34.37
C GLU B 435 6.58 -3.01 -34.68
N ALA B 436 5.54 -2.35 -34.19
CA ALA B 436 4.11 -2.70 -34.43
C ALA B 436 3.78 -2.58 -35.93
N ARG B 437 4.25 -1.53 -36.61
CA ARG B 437 4.05 -1.30 -38.07
C ARG B 437 4.82 -2.37 -38.85
N ARG B 438 6.11 -2.57 -38.54
CA ARG B 438 6.96 -3.60 -39.21
C ARG B 438 6.15 -4.90 -39.23
N LEU B 439 5.79 -5.42 -38.07
CA LEU B 439 5.15 -6.76 -37.89
C LEU B 439 3.64 -6.70 -38.15
N GLY B 440 3.09 -5.50 -38.37
CA GLY B 440 1.79 -5.26 -39.02
C GLY B 440 0.62 -5.50 -38.08
N ILE B 441 0.72 -5.12 -36.81
CA ILE B 441 -0.48 -4.93 -35.93
C ILE B 441 -1.10 -3.60 -36.35
N PRO B 442 -2.42 -3.55 -36.61
CA PRO B 442 -3.05 -2.31 -37.06
C PRO B 442 -3.23 -1.31 -35.92
N LEU B 443 -2.21 -0.48 -35.69
CA LEU B 443 -2.32 0.78 -34.89
C LEU B 443 -3.07 1.78 -35.78
N ILE B 444 -3.97 2.55 -35.18
CA ILE B 444 -5.08 3.23 -35.90
C ILE B 444 -4.80 4.74 -35.96
N PHE B 445 -4.45 5.36 -34.83
CA PHE B 445 -4.19 6.81 -34.71
C PHE B 445 -2.70 7.08 -34.94
N ALA B 446 -2.32 8.34 -35.15
CA ALA B 446 -0.93 8.76 -35.40
C ALA B 446 -0.04 8.27 -34.24
N MET B 447 -0.68 7.97 -33.10
CA MET B 447 -0.01 7.91 -31.79
C MET B 447 -0.90 7.14 -30.81
N ILE B 448 -0.28 6.49 -29.83
CA ILE B 448 -0.99 5.92 -28.66
C ILE B 448 -0.80 6.91 -27.53
N VAL B 449 -1.88 7.39 -26.95
CA VAL B 449 -1.70 8.49 -25.96
C VAL B 449 -1.71 7.81 -24.60
N PRO B 450 -0.85 8.28 -23.67
CA PRO B 450 -0.62 7.59 -22.40
C PRO B 450 -1.86 7.67 -21.53
N VAL B 451 -2.19 6.58 -20.85
CA VAL B 451 -3.35 6.52 -19.92
C VAL B 451 -2.87 6.68 -18.47
N PRO B 452 -3.29 7.74 -17.72
CA PRO B 452 -2.88 7.92 -16.32
C PRO B 452 -3.85 7.27 -15.30
N SER B 453 -3.95 5.95 -15.32
CA SER B 453 -4.89 5.16 -14.48
C SER B 453 -4.59 5.47 -13.01
N TRP B 454 -3.32 5.42 -12.64
CA TRP B 454 -2.81 5.61 -11.27
C TRP B 454 -1.82 6.78 -11.26
N GLU B 455 -1.71 7.43 -10.13
CA GLU B 455 -0.69 8.46 -9.94
C GLU B 455 0.69 7.83 -10.23
N ARG B 456 1.58 8.66 -10.75
CA ARG B 456 3.05 8.46 -10.80
C ARG B 456 3.47 7.52 -11.94
N SER B 457 2.57 7.04 -12.79
CA SER B 457 2.97 6.31 -14.00
C SER B 457 1.89 6.44 -15.05
N PHE B 458 2.18 5.97 -16.27
CA PHE B 458 1.21 5.83 -17.36
C PHE B 458 1.23 4.40 -17.86
N THR B 459 0.11 3.99 -18.45
CA THR B 459 0.00 2.74 -19.23
C THR B 459 -0.27 3.13 -20.69
N PHE B 460 0.38 2.38 -21.60
CA PHE B 460 0.52 2.60 -23.07
C PHE B 460 -0.15 1.39 -23.73
N ILE B 461 -1.43 1.54 -24.09
CA ILE B 461 -2.40 0.42 -24.32
C ILE B 461 -2.47 0.03 -25.80
N ILE B 462 -2.07 -1.21 -26.12
CA ILE B 462 -2.06 -1.78 -27.50
C ILE B 462 -3.02 -2.97 -27.55
N PRO B 463 -4.12 -2.85 -28.32
CA PRO B 463 -5.09 -3.95 -28.42
C PRO B 463 -4.64 -5.12 -29.32
N LEU B 464 -5.10 -6.32 -28.98
CA LEU B 464 -4.99 -7.56 -29.81
C LEU B 464 -6.41 -7.97 -30.15
N PHE B 465 -6.68 -8.31 -31.40
CA PHE B 465 -8.04 -8.70 -31.86
C PHE B 465 -7.98 -10.17 -32.23
N ILE B 466 -8.91 -10.97 -31.70
CA ILE B 466 -8.99 -12.43 -31.98
C ILE B 466 -9.53 -12.59 -33.40
N SER B 467 -8.86 -13.38 -34.23
CA SER B 467 -9.29 -13.71 -35.60
C SER B 467 -10.08 -15.03 -35.60
N GLU B 468 -10.88 -15.25 -36.65
CA GLU B 468 -11.52 -16.55 -36.91
C GLU B 468 -10.46 -17.52 -37.44
N ASP B 469 -9.29 -17.01 -37.85
CA ASP B 469 -8.19 -17.84 -38.41
C ASP B 469 -7.14 -18.09 -37.33
N PRO B 470 -7.01 -19.35 -36.83
CA PRO B 470 -5.99 -19.70 -35.84
C PRO B 470 -4.57 -19.35 -36.29
N ALA B 471 -4.29 -19.31 -37.59
CA ALA B 471 -2.93 -18.99 -38.08
C ALA B 471 -2.66 -17.53 -37.79
N GLN B 472 -3.70 -16.69 -37.89
CA GLN B 472 -3.60 -15.23 -37.59
C GLN B 472 -3.38 -15.10 -36.07
N ASN B 473 -4.15 -15.84 -35.29
CA ASN B 473 -4.05 -15.78 -33.81
C ASN B 473 -2.61 -16.15 -33.41
N LYS B 474 -2.03 -17.15 -34.06
CA LYS B 474 -0.64 -17.58 -33.80
C LYS B 474 0.33 -16.43 -34.09
N ARG B 475 0.12 -15.68 -35.19
CA ARG B 475 1.04 -14.57 -35.56
C ARG B 475 0.81 -13.40 -34.60
N SER B 476 -0.43 -13.15 -34.17
CA SER B 476 -0.77 -12.14 -33.15
C SER B 476 -0.02 -12.45 -31.86
N ARG B 477 0.04 -13.73 -31.45
CA ARG B 477 0.74 -14.16 -30.21
C ARG B 477 2.24 -13.95 -30.39
N GLU B 478 2.78 -14.26 -31.57
CA GLU B 478 4.23 -14.10 -31.86
C GLU B 478 4.57 -12.60 -31.89
N VAL B 479 3.69 -11.78 -32.43
CA VAL B 479 3.93 -10.33 -32.56
C VAL B 479 3.92 -9.69 -31.16
N PHE B 480 2.91 -10.00 -30.36
CA PHE B 480 2.77 -9.50 -28.96
C PHE B 480 4.00 -9.91 -28.14
N ARG B 481 4.49 -11.14 -28.29
CA ARG B 481 5.69 -11.65 -27.55
C ARG B 481 6.95 -10.89 -27.96
N HIS B 482 7.05 -10.50 -29.23
CA HIS B 482 8.11 -9.59 -29.73
C HIS B 482 7.95 -8.19 -29.11
N LEU B 483 6.75 -7.60 -29.12
CA LEU B 483 6.48 -6.25 -28.58
C LEU B 483 6.86 -6.23 -27.08
N ILE B 484 6.65 -7.34 -26.38
CA ILE B 484 6.94 -7.46 -24.93
C ILE B 484 8.46 -7.37 -24.75
N LYS B 485 9.23 -8.05 -25.60
CA LYS B 485 10.70 -8.13 -25.46
C LYS B 485 11.32 -6.78 -25.83
N VAL B 486 10.79 -6.13 -26.88
CA VAL B 486 11.27 -4.81 -27.36
C VAL B 486 11.04 -3.77 -26.24
N ALA B 487 9.82 -3.77 -25.67
CA ALA B 487 9.42 -2.87 -24.55
C ALA B 487 10.36 -3.09 -23.35
N ALA B 488 10.69 -4.34 -23.03
CA ALA B 488 11.54 -4.68 -21.87
C ALA B 488 12.96 -4.21 -22.13
N ASP B 489 13.40 -4.27 -23.39
CA ASP B 489 14.76 -3.79 -23.74
C ASP B 489 14.88 -2.29 -23.51
N ASN B 490 13.76 -1.55 -23.54
CA ASN B 490 13.73 -0.11 -23.23
C ASN B 490 13.23 0.16 -21.80
N GLY B 491 13.08 -0.87 -20.96
CA GLY B 491 12.75 -0.72 -19.53
C GLY B 491 11.27 -0.49 -19.30
N TRP B 492 10.42 -0.86 -20.25
CA TRP B 492 8.95 -0.72 -20.16
C TRP B 492 8.36 -2.10 -19.95
N GLY B 493 7.74 -2.30 -18.77
CA GLY B 493 7.22 -3.60 -18.34
C GLY B 493 5.72 -3.60 -18.21
N GLU B 494 5.12 -4.76 -18.46
CA GLU B 494 3.67 -5.02 -18.34
C GLU B 494 3.32 -5.25 -16.88
N TYR B 495 2.09 -4.90 -16.46
CA TYR B 495 1.68 -4.92 -15.04
C TYR B 495 0.54 -5.94 -14.81
N ARG B 496 -0.13 -6.37 -15.88
CA ARG B 496 -1.24 -7.32 -15.80
C ARG B 496 -1.40 -7.94 -17.19
N THR B 497 -1.62 -9.24 -17.30
CA THR B 497 -1.76 -9.89 -18.62
C THR B 497 -2.57 -11.19 -18.55
N ALA B 498 -3.04 -11.59 -19.73
CA ALA B 498 -3.74 -12.85 -20.03
C ALA B 498 -2.80 -14.04 -19.83
N PRO B 499 -3.31 -15.24 -19.46
CA PRO B 499 -2.46 -16.44 -19.31
C PRO B 499 -1.56 -16.71 -20.51
N THR B 500 -2.01 -16.37 -21.71
CA THR B 500 -1.27 -16.56 -22.99
C THR B 500 0.14 -15.97 -22.86
N PHE B 501 0.27 -14.84 -22.16
CA PHE B 501 1.50 -14.00 -22.12
C PHE B 501 2.06 -13.90 -20.71
N GLN B 502 1.44 -14.54 -19.71
CA GLN B 502 1.89 -14.41 -18.30
C GLN B 502 3.35 -14.87 -18.14
N ALA B 503 3.73 -16.01 -18.70
CA ALA B 503 5.11 -16.54 -18.53
C ALA B 503 6.06 -15.71 -19.40
N ASP B 504 5.57 -15.19 -20.53
CA ASP B 504 6.33 -14.32 -21.43
C ASP B 504 6.70 -13.06 -20.64
N VAL B 505 5.74 -12.46 -19.94
CA VAL B 505 6.02 -11.17 -19.25
C VAL B 505 6.93 -11.45 -18.05
N MET B 506 6.63 -12.48 -17.25
CA MET B 506 7.46 -12.83 -16.07
C MET B 506 8.93 -13.02 -16.49
N ASP B 507 9.19 -13.52 -17.69
CA ASP B 507 10.58 -13.74 -18.20
C ASP B 507 11.32 -12.40 -18.36
N THR B 508 10.59 -11.27 -18.56
CA THR B 508 11.23 -9.95 -18.74
C THR B 508 11.74 -9.38 -17.40
N TYR B 509 11.23 -9.89 -16.29
CA TYR B 509 11.56 -9.47 -14.90
C TYR B 509 12.75 -10.33 -14.41
N SER B 510 13.85 -10.31 -15.16
CA SER B 510 14.96 -11.31 -15.13
C SER B 510 16.15 -10.84 -14.28
N PHE B 511 16.04 -9.72 -13.56
CA PHE B 511 17.15 -9.23 -12.72
C PHE B 511 17.67 -10.37 -11.83
N GLY B 512 18.98 -10.44 -11.65
CA GLY B 512 19.61 -11.35 -10.67
C GLY B 512 19.41 -12.82 -11.09
N ASP B 513 19.41 -13.07 -12.40
CA ASP B 513 19.16 -14.38 -13.03
C ASP B 513 17.78 -14.89 -12.62
N HIS B 514 16.73 -14.11 -12.91
CA HIS B 514 15.32 -14.49 -12.61
C HIS B 514 15.15 -14.69 -11.11
N ALA B 515 15.80 -13.85 -10.29
CA ALA B 515 15.70 -13.91 -8.82
C ALA B 515 14.22 -13.82 -8.41
N LEU B 516 13.44 -12.95 -9.06
CA LEU B 516 12.05 -12.68 -8.59
C LEU B 516 11.21 -13.95 -8.75
N LEU B 517 11.23 -14.57 -9.93
CA LEU B 517 10.49 -15.81 -10.16
C LEU B 517 11.01 -16.91 -9.24
N ARG B 518 12.35 -17.07 -9.12
CA ARG B 518 12.91 -18.13 -8.23
C ARG B 518 12.42 -17.87 -6.81
N PHE B 519 12.30 -16.59 -6.42
CA PHE B 519 11.77 -16.23 -5.08
C PHE B 519 10.31 -16.67 -4.95
N HIS B 520 9.46 -16.34 -5.93
CA HIS B 520 8.03 -16.72 -5.92
C HIS B 520 7.91 -18.25 -5.88
N GLU B 521 8.77 -18.97 -6.60
CA GLU B 521 8.79 -20.47 -6.62
C GLU B 521 9.11 -21.02 -5.23
N SER B 522 10.00 -20.39 -4.47
CA SER B 522 10.30 -20.78 -3.07
C SER B 522 9.06 -20.62 -2.19
N ILE B 523 8.38 -19.48 -2.29
CA ILE B 523 7.18 -19.23 -1.45
C ILE B 523 6.10 -20.23 -1.91
N LYS B 524 5.96 -20.41 -3.22
CA LYS B 524 4.95 -21.34 -3.79
C LYS B 524 5.12 -22.72 -3.14
N ASP B 525 6.34 -23.23 -3.12
CA ASP B 525 6.65 -24.58 -2.56
C ASP B 525 6.41 -24.62 -1.05
N ALA B 526 6.57 -23.51 -0.34
CA ALA B 526 6.33 -23.44 1.12
C ALA B 526 4.84 -23.45 1.43
N VAL B 527 4.04 -22.70 0.68
CA VAL B 527 2.64 -22.46 1.11
C VAL B 527 1.74 -23.50 0.42
N ASP B 528 2.24 -24.14 -0.63
CA ASP B 528 1.44 -25.07 -1.46
C ASP B 528 2.37 -26.16 -1.96
N PRO B 529 2.86 -27.05 -1.06
CA PRO B 529 3.86 -28.06 -1.46
C PRO B 529 3.36 -29.06 -2.53
N LYS B 530 2.08 -29.41 -2.49
CA LYS B 530 1.46 -30.31 -3.51
C LYS B 530 1.18 -29.55 -4.82
N GLY B 531 1.24 -28.23 -4.80
CA GLY B 531 1.03 -27.41 -6.00
C GLY B 531 -0.38 -27.51 -6.55
N ILE B 532 -1.40 -27.51 -5.72
CA ILE B 532 -2.81 -27.60 -6.23
C ILE B 532 -3.36 -26.22 -6.64
N LEU B 533 -2.85 -25.09 -6.13
CA LEU B 533 -3.49 -23.75 -6.38
C LEU B 533 -3.05 -23.16 -7.71
N SER B 534 -4.02 -22.96 -8.61
CA SER B 534 -3.93 -22.20 -9.88
C SER B 534 -2.54 -22.34 -10.48
N PRO B 535 -2.11 -23.58 -10.84
CA PRO B 535 -0.78 -23.75 -11.41
C PRO B 535 -0.55 -22.87 -12.64
N GLY B 536 0.62 -22.26 -12.73
CA GLY B 536 1.01 -21.45 -13.90
C GLY B 536 0.61 -19.98 -13.81
N ARG B 537 -0.30 -19.60 -12.90
CA ARG B 537 -0.78 -18.19 -12.79
C ARG B 537 0.42 -17.26 -12.59
N TYR B 538 0.60 -16.24 -13.45
CA TYR B 538 1.71 -15.25 -13.43
C TYR B 538 3.06 -15.97 -13.55
N GLY B 539 3.08 -17.12 -14.22
CA GLY B 539 4.31 -17.85 -14.58
C GLY B 539 4.87 -18.68 -13.44
N ILE B 540 4.11 -18.86 -12.36
CA ILE B 540 4.50 -19.56 -11.11
C ILE B 540 3.95 -20.98 -11.16
N TRP B 541 4.82 -21.95 -11.41
CA TRP B 541 4.48 -23.38 -11.45
C TRP B 541 4.95 -24.03 -10.14
N PRO B 542 4.15 -24.92 -9.54
CA PRO B 542 4.60 -25.67 -8.37
C PRO B 542 5.72 -26.65 -8.75
N LYS B 543 6.47 -27.12 -7.76
CA LYS B 543 7.70 -27.93 -7.97
C LYS B 543 7.37 -29.14 -8.84
N HIS B 544 6.23 -29.79 -8.70
CA HIS B 544 5.93 -31.03 -9.46
C HIS B 544 5.66 -30.72 -10.93
N LEU B 545 5.40 -29.47 -11.32
CA LEU B 545 5.11 -29.13 -12.74
C LEU B 545 6.21 -28.24 -13.32
N ARG B 546 7.17 -27.78 -12.49
CA ARG B 546 8.10 -26.69 -12.86
C ARG B 546 9.06 -27.16 -13.95
N ASP B 547 9.48 -28.43 -13.89
CA ASP B 547 10.44 -28.95 -14.93
C ASP B 547 9.77 -28.92 -16.31
N LYS B 548 8.56 -29.45 -16.42
CA LYS B 548 7.81 -29.56 -17.68
C LYS B 548 7.48 -28.17 -18.22
N HIS B 549 7.14 -27.21 -17.34
CA HIS B 549 6.53 -25.92 -17.74
C HIS B 549 7.55 -24.78 -17.62
N ARG B 550 8.83 -25.07 -17.42
CA ARG B 550 9.92 -24.05 -17.49
C ARG B 550 9.70 -23.19 -18.74
N TYR B 551 9.81 -21.87 -18.63
CA TYR B 551 9.57 -20.96 -19.78
C TYR B 551 10.62 -21.18 -20.87
N LYS B 552 10.24 -21.22 -22.17
CA LYS B 552 11.20 -21.30 -23.33
C LYS B 552 11.06 -20.07 -24.25
#